data_5Y2C
#
_entry.id   5Y2C
#
_cell.length_a   72.742
_cell.length_b   90.804
_cell.length_c   74.625
_cell.angle_alpha   90.000
_cell.angle_beta   116.320
_cell.angle_gamma   90.000
#
_symmetry.space_group_name_H-M   'P 1 21 1'
#
loop_
_entity.id
_entity.type
_entity.pdbx_description
1 polymer 'insect group II chitinase'
2 branched 2-acetamido-2-deoxy-beta-D-glucopyranose-(1-4)-2-acetamido-2-deoxy-beta-D-glucopyranose-(1-4)-2-acetamido-2-deoxy-beta-D-glucopyranose-(1-4)-2-acetamido-2-deoxy-beta-D-glucopyranose-(1-4)-2-acetamido-2-deoxy-beta-D-glucopyranose
3 branched alpha-D-mannopyranose-(1-2)-alpha-D-mannopyranose-(1-2)-alpha-D-mannopyranose-(1-3)-alpha-D-mannopyranose-(1-4)-2-acetamido-2-deoxy-beta-D-glucopyranose-(1-4)-2-acetamido-2-deoxy-beta-D-glucopyranose
4 water water
#
_entity_poly.entity_id   1
_entity_poly.type   'polypeptide(L)'
_entity_poly.pdbx_seq_one_letter_code
;ERFKVVCYYTNWAWYRPDNGKYTPGDINPELCTHIIYAFAVLDKEELVIKSHDIWLDVENKFYEKVTALKSHGVKVLLGL
GGWDDSAGDKYSRLVNNVSARRKFVVHAVDFLEQYGFDGLDLDWLYPKCWQVECEKGPDSDKQGFADLVKELRKAFNRRG
MLLSAAVSASKRVIDYAYNVPALSMNLDWISLMTYDYHGQWDKKTGHVAPMYVHDKDTDNTFNVNFTVNYWINKGADRKK
LVVGVPFYGQSFSVVEGAGTGLGAPTYAGGEAGDETRARGFLSFYEICERVKVKGWKVHRDPGGRIGPYATHDDQWVSFD
DDFMARHKAEYVRAMELGGSMAWSLDLDDFTGKYCGCGKAPLLTTINHVLRGKEAPPPCILHE
;
_entity_poly.pdbx_strand_id   A,B
#
loop_
_chem_comp.id
_chem_comp.type
_chem_comp.name
_chem_comp.formula
MAN D-saccharide, alpha linking alpha-D-mannopyranose 'C6 H12 O6'
NAG D-saccharide, beta linking 2-acetamido-2-deoxy-beta-D-glucopyranose 'C8 H15 N O6'
#
# COMPACT_ATOMS: atom_id res chain seq x y z
N GLU A 1 31.90 16.41 -13.24
CA GLU A 1 32.70 15.22 -13.47
C GLU A 1 33.25 14.70 -12.14
N ARG A 2 33.65 15.65 -11.27
CA ARG A 2 34.17 15.29 -9.95
C ARG A 2 33.06 14.73 -9.06
N PHE A 3 31.85 15.30 -9.13
CA PHE A 3 30.73 14.87 -8.29
C PHE A 3 29.60 14.40 -9.18
N LYS A 4 29.00 13.28 -8.80
CA LYS A 4 27.84 12.75 -9.50
C LYS A 4 26.56 13.29 -8.90
N VAL A 5 25.54 13.44 -9.74
CA VAL A 5 24.18 13.71 -9.31
C VAL A 5 23.34 12.59 -9.91
N VAL A 6 23.04 11.56 -9.11
CA VAL A 6 22.32 10.37 -9.56
C VAL A 6 20.84 10.59 -9.34
N CYS A 7 20.07 10.61 -10.42
CA CYS A 7 18.64 10.91 -10.38
C CYS A 7 17.85 9.64 -10.59
N TYR A 8 16.92 9.36 -9.68
CA TYR A 8 16.02 8.23 -9.86
C TYR A 8 14.78 8.73 -10.59
N TYR A 9 14.51 8.13 -11.74
CA TYR A 9 13.27 8.32 -12.49
C TYR A 9 12.39 7.11 -12.19
N THR A 10 11.12 7.36 -11.88
CA THR A 10 10.19 6.27 -11.53
C THR A 10 9.12 6.16 -12.60
N ASN A 11 8.98 4.96 -13.17
CA ASN A 11 8.03 4.81 -14.28
C ASN A 11 6.58 4.96 -13.81
N TRP A 12 6.25 4.61 -12.56
CA TRP A 12 4.87 4.71 -12.10
C TRP A 12 4.43 6.16 -11.83
N ALA A 13 5.33 7.14 -11.86
CA ALA A 13 4.91 8.54 -11.77
C ALA A 13 4.04 8.95 -12.94
N TRP A 14 3.97 8.12 -13.99
CA TRP A 14 3.04 8.37 -15.08
C TRP A 14 1.59 8.25 -14.62
N TYR A 15 1.29 7.25 -13.78
CA TYR A 15 -0.07 6.95 -13.33
C TYR A 15 -0.42 7.84 -12.14
N ARG A 16 -0.57 9.14 -12.43
CA ARG A 16 -0.72 10.17 -11.42
C ARG A 16 -1.57 11.30 -11.96
N PRO A 17 -2.33 12.02 -11.11
CA PRO A 17 -3.18 13.09 -11.62
C PRO A 17 -2.33 14.12 -12.34
N ASP A 18 -2.88 14.71 -13.42
CA ASP A 18 -2.11 15.57 -14.33
C ASP A 18 -1.07 16.46 -13.68
N ASN A 19 -1.40 17.14 -12.58
CA ASN A 19 -0.39 17.97 -11.95
C ASN A 19 0.79 17.23 -11.33
N GLY A 20 0.64 15.97 -10.98
CA GLY A 20 1.79 15.20 -10.50
C GLY A 20 2.46 14.35 -11.56
N LYS A 21 1.78 14.21 -12.70
CA LYS A 21 2.25 13.33 -13.76
C LYS A 21 3.66 13.71 -14.25
N TYR A 22 4.50 12.70 -14.40
CA TYR A 22 5.89 12.87 -14.79
C TYR A 22 6.20 11.83 -15.85
N THR A 23 6.64 12.29 -17.02
CA THR A 23 6.96 11.43 -18.15
C THR A 23 8.45 11.57 -18.48
N PRO A 24 9.00 10.76 -19.38
CA PRO A 24 10.40 10.97 -19.77
C PRO A 24 10.64 12.35 -20.36
N GLY A 25 9.62 12.96 -20.96
CA GLY A 25 9.74 14.31 -21.46
C GLY A 25 9.88 15.37 -20.37
N ASP A 26 9.64 15.00 -19.11
CA ASP A 26 9.83 15.94 -18.00
C ASP A 26 11.25 15.92 -17.45
N ILE A 27 12.07 14.96 -17.85
CA ILE A 27 13.44 14.94 -17.37
C ILE A 27 14.20 16.11 -17.98
N ASN A 28 14.95 16.82 -17.14
CA ASN A 28 15.90 17.82 -17.56
C ASN A 28 17.30 17.22 -17.47
N PRO A 29 17.90 16.76 -18.58
CA PRO A 29 19.20 16.09 -18.48
C PRO A 29 20.30 16.97 -17.97
N GLU A 30 20.20 18.29 -18.07
CA GLU A 30 21.25 19.12 -17.49
C GLU A 30 21.37 18.95 -15.99
N LEU A 31 20.34 18.42 -15.32
CA LEU A 31 20.36 18.34 -13.87
C LEU A 31 20.79 16.98 -13.36
N CYS A 32 21.26 16.09 -14.24
CA CYS A 32 21.71 14.77 -13.81
C CYS A 32 22.97 14.38 -14.56
N THR A 33 23.90 13.74 -13.85
CA THR A 33 24.98 13.05 -14.53
C THR A 33 24.58 11.61 -14.86
N HIS A 34 23.73 11.03 -14.02
CA HIS A 34 23.29 9.65 -14.18
C HIS A 34 21.80 9.59 -13.83
N ILE A 35 21.04 8.90 -14.67
CA ILE A 35 19.63 8.64 -14.43
C ILE A 35 19.48 7.15 -14.18
N ILE A 36 18.75 6.80 -13.12
CA ILE A 36 18.41 5.43 -12.82
C ILE A 36 16.92 5.25 -13.09
N TYR A 37 16.59 4.29 -13.96
CA TYR A 37 15.21 3.98 -14.32
C TYR A 37 14.65 2.97 -13.33
N ALA A 38 13.75 3.41 -12.47
CA ALA A 38 13.17 2.55 -11.43
C ALA A 38 11.72 2.20 -11.79
N PHE A 39 11.37 0.91 -11.69
CA PHE A 39 12.29 -0.20 -11.41
C PHE A 39 12.02 -1.29 -12.43
N ALA A 40 13.01 -2.14 -12.68
CA ALA A 40 12.75 -3.47 -13.22
C ALA A 40 12.71 -4.47 -12.06
N VAL A 41 12.25 -5.69 -12.36
CA VAL A 41 12.01 -6.69 -11.34
C VAL A 41 12.66 -8.01 -11.72
N LEU A 42 12.84 -8.87 -10.73
CA LEU A 42 13.38 -10.20 -10.94
C LEU A 42 12.24 -11.18 -11.17
N ASP A 43 12.33 -11.96 -12.24
CA ASP A 43 11.30 -12.98 -12.46
C ASP A 43 11.42 -14.05 -11.38
N LYS A 44 10.31 -14.29 -10.68
CA LYS A 44 10.32 -15.20 -9.55
C LYS A 44 10.76 -16.60 -9.97
N GLU A 45 10.38 -17.01 -11.18
CA GLU A 45 10.67 -18.34 -11.67
C GLU A 45 12.08 -18.42 -12.23
N GLU A 46 12.39 -17.54 -13.20
CA GLU A 46 13.61 -17.62 -13.97
C GLU A 46 14.80 -16.92 -13.33
N LEU A 47 14.57 -16.04 -12.35
CA LEU A 47 15.63 -15.28 -11.71
C LEU A 47 16.44 -14.49 -12.74
N VAL A 48 15.74 -13.77 -13.62
CA VAL A 48 16.36 -12.85 -14.56
C VAL A 48 15.57 -11.56 -14.57
N ILE A 49 16.21 -10.50 -15.07
CA ILE A 49 15.56 -9.19 -15.14
C ILE A 49 14.36 -9.25 -16.09
N LYS A 50 13.27 -8.62 -15.68
CA LYS A 50 12.14 -8.42 -16.59
C LYS A 50 11.50 -7.07 -16.29
N SER A 51 10.76 -6.56 -17.27
CA SER A 51 10.04 -5.32 -17.12
C SER A 51 8.89 -5.48 -16.12
N HIS A 52 8.73 -4.51 -15.23
CA HIS A 52 7.62 -4.54 -14.30
C HIS A 52 6.36 -3.96 -14.91
N ASP A 53 6.49 -3.26 -16.02
CA ASP A 53 5.39 -2.56 -16.66
C ASP A 53 5.66 -2.56 -18.16
N ILE A 54 5.30 -3.68 -18.82
CA ILE A 54 5.52 -3.82 -20.26
C ILE A 54 4.81 -2.70 -21.01
N TRP A 55 3.60 -2.35 -20.58
CA TRP A 55 2.84 -1.35 -21.31
C TRP A 55 3.58 -0.01 -21.36
N LEU A 56 4.13 0.45 -20.23
CA LEU A 56 4.91 1.70 -20.26
C LEU A 56 6.31 1.50 -20.82
N ASP A 57 7.08 0.60 -20.22
CA ASP A 57 8.51 0.52 -20.52
C ASP A 57 8.75 0.17 -21.97
N VAL A 58 8.01 -0.82 -22.47
CA VAL A 58 8.27 -1.43 -23.76
C VAL A 58 7.27 -0.96 -24.81
N GLU A 59 5.97 -1.16 -24.55
CA GLU A 59 4.96 -0.80 -25.55
C GLU A 59 4.97 0.70 -25.85
N ASN A 60 5.05 1.53 -24.82
CA ASN A 60 5.15 2.98 -25.01
C ASN A 60 6.58 3.48 -24.97
N LYS A 61 7.57 2.58 -24.98
CA LYS A 61 8.97 2.91 -25.28
C LYS A 61 9.57 3.83 -24.23
N PHE A 62 9.11 3.72 -22.97
CA PHE A 62 9.66 4.58 -21.94
C PHE A 62 11.11 4.23 -21.63
N TYR A 63 11.47 2.94 -21.69
CA TYR A 63 12.88 2.56 -21.56
C TYR A 63 13.75 3.33 -22.56
N GLU A 64 13.40 3.24 -23.84
CA GLU A 64 14.20 3.85 -24.89
C GLU A 64 14.14 5.36 -24.83
N LYS A 65 12.99 5.91 -24.43
CA LYS A 65 12.88 7.36 -24.33
C LYS A 65 13.79 7.92 -23.25
N VAL A 66 14.07 7.14 -22.20
CA VAL A 66 14.99 7.60 -21.18
C VAL A 66 16.45 7.35 -21.57
N THR A 67 16.75 6.18 -22.14
CA THR A 67 18.13 5.95 -22.58
C THR A 67 18.51 6.87 -23.73
N ALA A 68 17.53 7.41 -24.45
CA ALA A 68 17.80 8.38 -25.50
C ALA A 68 18.41 9.68 -24.96
N LEU A 69 18.29 9.94 -23.65
CA LEU A 69 18.90 11.13 -23.07
C LEU A 69 20.43 11.01 -22.97
N LYS A 70 21.00 9.86 -23.29
CA LYS A 70 22.44 9.76 -23.29
C LYS A 70 23.08 10.68 -24.33
N SER A 71 22.33 11.11 -25.35
CA SER A 71 22.83 12.12 -26.28
C SER A 71 23.08 13.46 -25.61
N HIS A 72 22.65 13.64 -24.36
CA HIS A 72 22.96 14.83 -23.57
C HIS A 72 24.11 14.61 -22.60
N GLY A 73 24.88 13.54 -22.75
CA GLY A 73 25.99 13.32 -21.86
C GLY A 73 25.62 12.72 -20.53
N VAL A 74 24.37 12.28 -20.38
CA VAL A 74 23.90 11.59 -19.18
C VAL A 74 24.11 10.10 -19.38
N LYS A 75 24.54 9.42 -18.34
CA LYS A 75 24.57 7.97 -18.35
C LYS A 75 23.24 7.49 -17.77
N VAL A 76 22.69 6.44 -18.37
CA VAL A 76 21.34 5.95 -18.04
C VAL A 76 21.45 4.47 -17.68
N LEU A 77 21.06 4.14 -16.45
CA LEU A 77 21.10 2.78 -15.94
C LEU A 77 19.68 2.31 -15.59
N LEU A 78 19.51 1.00 -15.55
CA LEU A 78 18.27 0.38 -15.12
C LEU A 78 18.40 -0.03 -13.67
N GLY A 79 17.44 0.37 -12.85
CA GLY A 79 17.38 -0.05 -11.45
C GLY A 79 16.58 -1.33 -11.31
N LEU A 80 17.16 -2.31 -10.61
CA LEU A 80 16.54 -3.62 -10.46
C LEU A 80 16.13 -3.80 -9.01
N GLY A 81 14.83 -3.97 -8.77
CA GLY A 81 14.37 -4.25 -7.43
C GLY A 81 13.48 -3.18 -6.86
N GLY A 82 14.00 -2.45 -5.88
CA GLY A 82 13.20 -1.52 -5.11
C GLY A 82 12.58 -2.19 -3.90
N TRP A 83 11.93 -1.39 -3.06
CA TRP A 83 11.36 -1.92 -1.83
C TRP A 83 10.33 -3.00 -2.12
N ASP A 84 9.37 -2.71 -2.99
CA ASP A 84 8.24 -3.62 -3.18
C ASP A 84 8.69 -4.93 -3.84
N ASP A 85 9.61 -4.88 -4.80
CA ASP A 85 10.08 -6.12 -5.43
C ASP A 85 11.02 -6.92 -4.54
N SER A 86 11.51 -6.33 -3.45
CA SER A 86 12.41 -7.04 -2.55
C SER A 86 11.67 -7.94 -1.55
N ALA A 87 10.37 -8.19 -1.73
CA ALA A 87 9.66 -9.10 -0.86
C ALA A 87 10.01 -10.53 -1.23
N GLY A 88 10.32 -11.35 -0.22
CA GLY A 88 10.54 -12.77 -0.44
C GLY A 88 12.01 -13.15 -0.62
N ASP A 89 12.21 -14.39 -1.05
CA ASP A 89 13.53 -15.00 -1.13
C ASP A 89 14.10 -15.05 -2.54
N LYS A 90 13.43 -14.48 -3.53
CA LYS A 90 13.87 -14.66 -4.92
C LYS A 90 15.32 -14.21 -5.12
N TYR A 91 15.71 -13.06 -4.53
CA TYR A 91 17.06 -12.56 -4.74
C TYR A 91 18.07 -13.41 -3.97
N SER A 92 17.68 -13.86 -2.77
CA SER A 92 18.53 -14.76 -2.02
C SER A 92 18.74 -16.07 -2.76
N ARG A 93 17.64 -16.60 -3.33
CA ARG A 93 17.77 -17.80 -4.15
C ARG A 93 18.70 -17.55 -5.31
N LEU A 94 18.69 -16.33 -5.85
CA LEU A 94 19.53 -16.01 -7.00
C LEU A 94 21.01 -16.01 -6.61
N VAL A 95 21.39 -15.30 -5.54
CA VAL A 95 22.79 -15.11 -5.21
C VAL A 95 23.43 -16.29 -4.49
N ASN A 96 22.64 -17.24 -3.98
CA ASN A 96 23.19 -18.41 -3.30
C ASN A 96 23.33 -19.62 -4.22
N ASN A 97 23.07 -19.44 -5.52
CA ASN A 97 23.17 -20.53 -6.48
C ASN A 97 24.06 -20.09 -7.63
N VAL A 98 25.21 -20.76 -7.80
CA VAL A 98 26.19 -20.33 -8.78
C VAL A 98 25.61 -20.39 -10.20
N SER A 99 24.79 -21.40 -10.48
CA SER A 99 24.24 -21.53 -11.83
C SER A 99 23.25 -20.40 -12.13
N ALA A 100 22.48 -19.97 -11.13
CA ALA A 100 21.50 -18.92 -11.36
C ALA A 100 22.17 -17.56 -11.57
N ARG A 101 23.23 -17.27 -10.81
CA ARG A 101 23.97 -16.01 -11.02
C ARG A 101 24.54 -15.95 -12.43
N ARG A 102 25.11 -17.05 -12.90
CA ARG A 102 25.72 -17.08 -14.22
C ARG A 102 24.70 -16.81 -15.32
N LYS A 103 23.52 -17.40 -15.19
CA LYS A 103 22.45 -17.19 -16.17
C LYS A 103 21.87 -15.78 -16.06
N PHE A 104 21.86 -15.23 -14.85
CA PHE A 104 21.39 -13.86 -14.65
C PHE A 104 22.30 -12.86 -15.34
N VAL A 105 23.62 -13.03 -15.19
CA VAL A 105 24.59 -12.09 -15.75
C VAL A 105 24.52 -12.08 -17.27
N VAL A 106 24.49 -13.26 -17.88
CA VAL A 106 24.41 -13.36 -19.34
C VAL A 106 23.14 -12.70 -19.84
N HIS A 107 22.01 -12.96 -19.18
CA HIS A 107 20.77 -12.36 -19.61
C HIS A 107 20.74 -10.85 -19.32
N ALA A 108 21.28 -10.43 -18.18
CA ALA A 108 21.21 -9.02 -17.81
C ALA A 108 21.95 -8.16 -18.83
N VAL A 109 23.11 -8.62 -19.29
CA VAL A 109 23.89 -7.87 -20.26
C VAL A 109 23.10 -7.61 -21.54
N ASP A 110 22.42 -8.63 -22.04
CA ASP A 110 21.68 -8.44 -23.28
C ASP A 110 20.37 -7.70 -23.06
N PHE A 111 19.74 -7.86 -21.88
CA PHE A 111 18.54 -7.08 -21.58
C PHE A 111 18.86 -5.60 -21.59
N LEU A 112 19.97 -5.22 -20.95
CA LEU A 112 20.37 -3.82 -20.87
C LEU A 112 20.72 -3.26 -22.23
N GLU A 113 21.48 -4.02 -23.03
CA GLU A 113 21.89 -3.55 -24.34
C GLU A 113 20.69 -3.43 -25.27
N GLN A 114 19.71 -4.31 -25.10
CA GLN A 114 18.54 -4.32 -25.97
C GLN A 114 17.72 -3.03 -25.84
N TYR A 115 17.83 -2.31 -24.74
CA TYR A 115 17.12 -1.06 -24.58
C TYR A 115 18.07 0.15 -24.54
N GLY A 116 19.36 -0.06 -24.73
CA GLY A 116 20.28 1.06 -24.71
C GLY A 116 20.69 1.53 -23.34
N PHE A 117 20.58 0.66 -22.33
CA PHE A 117 20.99 1.04 -20.99
C PHE A 117 22.51 0.98 -20.88
N ASP A 118 23.08 1.95 -20.18
CA ASP A 118 24.52 1.97 -19.95
C ASP A 118 24.92 1.12 -18.77
N GLY A 119 23.98 0.53 -18.04
CA GLY A 119 24.35 -0.33 -16.94
C GLY A 119 23.18 -0.66 -16.04
N LEU A 120 23.52 -1.17 -14.85
CA LEU A 120 22.55 -1.74 -13.93
C LEU A 120 22.82 -1.21 -12.53
N ASP A 121 21.76 -0.83 -11.83
CA ASP A 121 21.88 -0.40 -10.44
C ASP A 121 21.08 -1.38 -9.60
N LEU A 122 21.78 -2.08 -8.69
CA LEU A 122 21.18 -3.15 -7.91
C LEU A 122 20.45 -2.54 -6.73
N ASP A 123 19.14 -2.79 -6.65
CA ASP A 123 18.30 -2.27 -5.59
C ASP A 123 17.58 -3.40 -4.86
N TRP A 124 18.34 -4.37 -4.36
CA TRP A 124 17.79 -5.43 -3.53
C TRP A 124 17.78 -4.96 -2.09
N LEU A 125 16.59 -4.83 -1.52
CA LEU A 125 16.43 -4.29 -0.16
C LEU A 125 15.90 -5.38 0.75
N TYR A 126 16.79 -6.10 1.42
CA TYR A 126 18.26 -5.96 1.33
C TYR A 126 18.82 -7.37 1.45
N PRO A 127 20.09 -7.59 1.07
CA PRO A 127 20.70 -8.91 1.30
C PRO A 127 20.59 -9.29 2.76
N LYS A 128 20.17 -10.53 3.02
CA LYS A 128 20.01 -11.09 4.36
C LYS A 128 18.83 -10.47 5.12
N CYS A 129 18.74 -9.15 5.18
CA CYS A 129 17.60 -8.49 5.82
C CYS A 129 16.51 -8.20 4.78
N TRP A 130 15.82 -9.28 4.38
CA TRP A 130 14.77 -9.14 3.37
C TRP A 130 13.72 -8.16 3.88
N GLN A 131 13.53 -7.07 3.13
CA GLN A 131 12.64 -5.98 3.50
C GLN A 131 12.80 -5.59 4.97
N VAL A 132 14.06 -5.36 5.36
CA VAL A 132 14.52 -4.88 6.67
C VAL A 132 14.40 -5.95 7.76
N GLU A 133 13.95 -7.17 7.41
CA GLU A 133 13.78 -8.23 8.40
C GLU A 133 15.04 -9.10 8.41
N CYS A 134 15.95 -8.83 9.36
CA CYS A 134 17.27 -9.44 9.32
C CYS A 134 17.27 -10.90 9.77
N GLU A 135 16.17 -11.39 10.36
CA GLU A 135 16.02 -12.78 10.74
C GLU A 135 15.60 -13.68 9.58
N LYS A 136 15.27 -13.12 8.42
CA LYS A 136 14.68 -13.95 7.38
C LYS A 136 15.72 -14.61 6.48
N GLY A 137 16.77 -13.90 6.09
CA GLY A 137 17.72 -14.44 5.16
C GLY A 137 18.89 -15.17 5.79
N PRO A 138 19.56 -15.98 4.98
CA PRO A 138 20.77 -16.67 5.46
C PRO A 138 21.96 -15.72 5.55
N ASP A 139 22.88 -16.04 6.48
CA ASP A 139 24.10 -15.25 6.59
C ASP A 139 24.88 -15.22 5.28
N SER A 140 24.70 -16.23 4.44
CA SER A 140 25.42 -16.34 3.16
C SER A 140 24.93 -15.35 2.11
N ASP A 141 23.81 -14.65 2.35
CA ASP A 141 23.39 -13.62 1.39
C ASP A 141 24.47 -12.55 1.17
N LYS A 142 25.25 -12.28 2.20
CA LYS A 142 26.32 -11.33 2.10
C LYS A 142 27.39 -11.66 1.03
N GLN A 143 27.83 -12.92 0.97
CA GLN A 143 28.86 -13.31 0.01
C GLN A 143 28.26 -13.48 -1.38
N GLY A 144 27.03 -13.96 -1.42
CA GLY A 144 26.33 -14.18 -2.65
C GLY A 144 26.07 -12.89 -3.34
N PHE A 145 25.65 -11.89 -2.62
CA PHE A 145 25.51 -10.58 -3.25
C PHE A 145 26.87 -10.06 -3.68
N ALA A 146 27.85 -10.14 -2.79
CA ALA A 146 29.22 -9.74 -3.14
C ALA A 146 29.70 -10.47 -4.39
N ASP A 147 29.45 -11.78 -4.49
CA ASP A 147 29.90 -12.55 -5.63
C ASP A 147 29.12 -12.20 -6.90
N LEU A 148 27.81 -11.93 -6.78
CA LEU A 148 27.03 -11.46 -7.92
C LEU A 148 27.56 -10.14 -8.45
N VAL A 149 27.94 -9.23 -7.56
CA VAL A 149 28.51 -7.95 -7.96
C VAL A 149 29.86 -8.16 -8.66
N LYS A 150 30.72 -9.01 -8.08
CA LYS A 150 32.00 -9.27 -8.73
C LYS A 150 31.81 -9.85 -10.13
N GLU A 151 30.86 -10.78 -10.29
CA GLU A 151 30.68 -11.43 -11.58
C GLU A 151 30.05 -10.48 -12.60
N LEU A 152 29.15 -9.61 -12.14
CA LEU A 152 28.63 -8.54 -13.01
C LEU A 152 29.72 -7.55 -13.38
N ARG A 153 30.62 -7.23 -12.42
CA ARG A 153 31.68 -6.26 -12.69
C ARG A 153 32.57 -6.73 -13.84
N LYS A 154 32.99 -8.00 -13.79
CA LYS A 154 33.91 -8.52 -14.78
C LYS A 154 33.22 -8.67 -16.13
N ALA A 155 31.95 -9.06 -16.11
CA ALA A 155 31.18 -9.14 -17.36
C ALA A 155 30.89 -7.75 -17.91
N PHE A 156 30.63 -6.77 -17.05
CA PHE A 156 30.31 -5.43 -17.54
C PHE A 156 31.53 -4.70 -18.08
N ASN A 157 32.72 -4.96 -17.51
CA ASN A 157 33.94 -4.28 -17.94
C ASN A 157 34.28 -4.55 -19.39
N ARG A 158 33.93 -5.74 -19.87
CA ARG A 158 34.18 -6.09 -21.26
C ARG A 158 33.16 -5.44 -22.20
N ARG A 159 32.18 -4.73 -21.64
CA ARG A 159 31.15 -4.08 -22.43
C ARG A 159 31.10 -2.59 -22.19
N GLY A 160 31.89 -2.07 -21.24
CA GLY A 160 31.81 -0.65 -20.94
C GLY A 160 30.54 -0.23 -20.23
N MET A 161 29.93 -1.12 -19.46
CA MET A 161 28.71 -0.76 -18.75
C MET A 161 29.01 -0.45 -17.30
N LEU A 162 28.14 0.36 -16.69
CA LEU A 162 28.31 0.79 -15.32
C LEU A 162 27.53 -0.13 -14.38
N LEU A 163 28.02 -0.26 -13.16
CA LEU A 163 27.40 -1.10 -12.16
C LEU A 163 27.39 -0.36 -10.84
N SER A 164 26.22 -0.21 -10.25
CA SER A 164 26.06 0.50 -9.00
C SER A 164 25.04 -0.23 -8.15
N ALA A 165 24.85 0.26 -6.93
CA ALA A 165 23.93 -0.37 -6.00
C ALA A 165 23.41 0.67 -5.03
N ALA A 166 22.11 0.60 -4.73
CA ALA A 166 21.47 1.38 -3.67
C ALA A 166 21.42 0.54 -2.41
N VAL A 167 21.83 1.12 -1.28
CA VAL A 167 22.09 0.33 -0.09
C VAL A 167 21.49 1.01 1.13
N SER A 168 21.25 0.19 2.16
CA SER A 168 20.65 0.67 3.40
C SER A 168 21.55 1.68 4.10
N ALA A 169 20.91 2.53 4.91
CA ALA A 169 21.60 3.45 5.79
C ALA A 169 21.67 2.96 7.23
N SER A 170 21.03 1.83 7.54
CA SER A 170 20.99 1.33 8.91
C SER A 170 22.26 0.59 9.24
N LYS A 171 22.86 0.92 10.38
CA LYS A 171 24.08 0.22 10.82
C LYS A 171 23.86 -1.28 10.84
N ARG A 172 22.77 -1.72 11.45
CA ARG A 172 22.54 -3.16 11.64
C ARG A 172 22.31 -3.88 10.33
N VAL A 173 21.62 -3.25 9.38
CA VAL A 173 21.46 -3.87 8.07
C VAL A 173 22.81 -3.93 7.34
N ILE A 174 23.62 -2.88 7.45
CA ILE A 174 24.92 -2.86 6.79
C ILE A 174 25.76 -4.03 7.27
N ASP A 175 25.81 -4.23 8.59
CA ASP A 175 26.59 -5.33 9.16
C ASP A 175 26.14 -6.69 8.63
N TYR A 176 24.83 -6.90 8.49
CA TYR A 176 24.32 -8.17 8.00
C TYR A 176 24.47 -8.32 6.49
N ALA A 177 24.36 -7.23 5.72
CA ALA A 177 24.15 -7.35 4.28
C ALA A 177 25.40 -7.19 3.44
N TYR A 178 26.33 -6.29 3.81
CA TYR A 178 27.28 -5.71 2.87
C TYR A 178 28.72 -6.04 3.23
N ASN A 179 29.41 -6.71 2.30
CA ASN A 179 30.87 -6.78 2.27
C ASN A 179 31.35 -5.42 1.75
N VAL A 180 31.54 -4.48 2.67
CA VAL A 180 31.78 -3.10 2.26
C VAL A 180 33.03 -2.97 1.38
N PRO A 181 34.19 -3.53 1.74
CA PRO A 181 35.37 -3.36 0.86
C PRO A 181 35.18 -3.97 -0.53
N ALA A 182 34.54 -5.14 -0.61
CA ALA A 182 34.33 -5.76 -1.91
C ALA A 182 33.38 -4.92 -2.77
N LEU A 183 32.30 -4.42 -2.18
CA LEU A 183 31.33 -3.62 -2.94
C LEU A 183 31.94 -2.31 -3.40
N SER A 184 32.68 -1.63 -2.51
CA SER A 184 33.32 -0.38 -2.91
C SER A 184 34.26 -0.60 -4.09
N MET A 185 35.01 -1.70 -4.08
CA MET A 185 35.97 -1.92 -5.16
C MET A 185 35.27 -2.19 -6.48
N ASN A 186 34.20 -2.97 -6.45
CA ASN A 186 33.60 -3.50 -7.66
C ASN A 186 32.45 -2.65 -8.20
N LEU A 187 32.00 -1.62 -7.48
CA LEU A 187 30.89 -0.80 -7.95
C LEU A 187 31.40 0.58 -8.35
N ASP A 188 30.77 1.14 -9.41
CA ASP A 188 31.10 2.48 -9.86
C ASP A 188 30.63 3.55 -8.89
N TRP A 189 29.56 3.26 -8.14
CA TRP A 189 29.20 4.09 -7.00
C TRP A 189 28.24 3.32 -6.12
N ILE A 190 28.17 3.73 -4.85
CA ILE A 190 27.31 3.13 -3.85
C ILE A 190 26.34 4.22 -3.42
N SER A 191 25.07 4.06 -3.76
CA SER A 191 24.05 5.04 -3.38
C SER A 191 23.55 4.73 -1.99
N LEU A 192 24.03 5.48 -1.01
CA LEU A 192 23.54 5.37 0.36
C LEU A 192 22.12 5.90 0.41
N MET A 193 21.17 5.06 0.81
CA MET A 193 19.79 5.51 0.94
C MET A 193 19.64 6.15 2.32
N THR A 194 20.28 7.32 2.44
CA THR A 194 20.34 8.02 3.71
C THR A 194 19.03 8.74 4.02
N TYR A 195 17.94 7.97 4.03
CA TYR A 195 16.64 8.50 4.39
C TYR A 195 15.78 7.35 4.90
N ASP A 196 14.54 7.68 5.28
CA ASP A 196 13.62 6.75 5.92
C ASP A 196 14.20 6.21 7.23
N TYR A 197 14.98 7.03 7.91
CA TYR A 197 15.42 6.69 9.27
C TYR A 197 14.22 6.65 10.21
N HIS A 198 13.18 7.43 9.91
CA HIS A 198 11.98 7.54 10.73
C HIS A 198 10.75 7.58 9.84
N GLY A 199 9.64 7.09 10.37
CA GLY A 199 8.39 7.03 9.64
C GLY A 199 7.29 6.52 10.55
N GLN A 200 6.10 6.36 9.96
CA GLN A 200 4.92 5.92 10.72
C GLN A 200 5.17 4.60 11.46
N TRP A 201 6.09 3.77 10.98
CA TRP A 201 6.39 2.49 11.63
C TRP A 201 6.98 2.68 13.02
N ASP A 202 7.62 3.82 13.28
CA ASP A 202 8.14 4.10 14.62
C ASP A 202 7.02 4.41 15.60
N LYS A 203 5.84 4.79 15.10
CA LYS A 203 4.73 5.23 15.92
C LYS A 203 5.06 6.45 16.77
N LYS A 204 6.02 7.24 16.33
CA LYS A 204 6.36 8.52 16.92
C LYS A 204 6.74 9.44 15.77
N THR A 205 6.45 10.73 15.92
CA THR A 205 6.93 11.66 14.92
C THR A 205 8.46 11.63 14.88
N GLY A 206 9.02 11.62 13.68
CA GLY A 206 10.45 11.68 13.50
C GLY A 206 10.78 12.30 12.17
N HIS A 207 12.06 12.63 11.99
CA HIS A 207 12.49 13.22 10.73
C HIS A 207 12.93 12.13 9.78
N VAL A 208 12.54 12.27 8.51
CA VAL A 208 12.81 11.24 7.52
C VAL A 208 14.30 11.02 7.33
N ALA A 209 15.10 12.09 7.43
CA ALA A 209 16.52 12.03 7.06
C ALA A 209 17.32 13.01 7.94
N PRO A 210 17.55 12.66 9.21
CA PRO A 210 18.34 13.53 10.06
C PRO A 210 19.78 13.60 9.57
N MET A 211 20.36 14.79 9.66
CA MET A 211 21.75 14.99 9.25
C MET A 211 22.72 14.58 10.35
N TYR A 212 22.51 15.07 11.58
CA TYR A 212 23.38 14.83 12.73
C TYR A 212 22.55 14.34 13.92
N VAL A 213 23.22 13.93 14.96
CA VAL A 213 22.48 13.49 16.10
C VAL A 213 21.69 14.61 16.72
N HIS A 214 20.52 14.31 17.20
CA HIS A 214 19.68 15.27 17.80
C HIS A 214 19.60 14.81 19.22
N ASP A 215 19.36 15.72 20.13
CA ASP A 215 19.32 15.39 21.51
C ASP A 215 18.14 14.57 21.92
N LYS A 216 17.08 14.59 21.16
CA LYS A 216 15.90 13.80 21.46
C LYS A 216 16.04 12.43 20.94
N ASP A 217 17.11 12.20 20.26
CA ASP A 217 17.36 10.92 19.68
C ASP A 217 17.58 9.84 20.62
N THR A 218 17.10 8.69 20.24
CA THR A 218 17.24 7.52 21.05
C THR A 218 18.44 6.77 20.55
N ASP A 219 18.64 6.82 19.28
CA ASP A 219 19.73 6.06 18.68
C ASP A 219 20.61 7.03 17.91
N ASN A 220 21.89 7.11 18.26
CA ASN A 220 22.79 8.05 17.62
C ASN A 220 23.31 7.58 16.27
N THR A 221 22.88 6.42 15.77
CA THR A 221 23.27 6.00 14.42
C THR A 221 22.24 6.33 13.35
N PHE A 222 21.06 6.83 13.73
CA PHE A 222 19.99 7.13 12.78
C PHE A 222 20.13 8.56 12.24
N ASN A 223 21.22 8.79 11.51
CA ASN A 223 21.43 10.08 10.89
C ASN A 223 22.39 9.90 9.73
N VAL A 224 22.36 10.85 8.79
CA VAL A 224 23.15 10.74 7.57
C VAL A 224 24.64 10.68 7.90
N ASN A 225 25.07 11.53 8.83
CA ASN A 225 26.48 11.67 9.12
C ASN A 225 27.06 10.37 9.64
N PHE A 226 26.32 9.66 10.49
CA PHE A 226 26.84 8.38 10.96
C PHE A 226 26.94 7.37 9.82
N THR A 227 25.90 7.29 8.99
CA THR A 227 25.89 6.33 7.89
C THR A 227 27.10 6.51 6.99
N VAL A 228 27.42 7.77 6.65
CA VAL A 228 28.55 8.03 5.76
C VAL A 228 29.85 7.61 6.44
N ASN A 229 30.07 8.08 7.67
CA ASN A 229 31.30 7.75 8.37
C ASN A 229 31.42 6.27 8.66
N TYR A 230 30.29 5.59 8.89
CA TYR A 230 30.32 4.15 9.12
C TYR A 230 30.77 3.39 7.86
N TRP A 231 30.22 3.75 6.68
CA TRP A 231 30.67 3.11 5.45
C TRP A 231 32.15 3.34 5.20
N ILE A 232 32.62 4.53 5.51
CA ILE A 232 34.05 4.84 5.37
C ILE A 232 34.87 3.99 6.32
N ASN A 233 34.44 3.91 7.59
CA ASN A 233 35.15 3.12 8.59
C ASN A 233 35.09 1.64 8.27
N LYS A 234 34.03 1.18 7.60
CA LYS A 234 33.93 -0.20 7.16
C LYS A 234 34.82 -0.49 5.96
N GLY A 235 35.52 0.51 5.42
CA GLY A 235 36.47 0.28 4.35
C GLY A 235 36.11 0.87 2.99
N ALA A 236 35.14 1.76 2.92
CA ALA A 236 34.66 2.23 1.62
C ALA A 236 35.53 3.35 1.06
N ASP A 237 35.61 3.40 -0.27
CA ASP A 237 36.25 4.51 -0.96
C ASP A 237 35.32 5.72 -0.91
N ARG A 238 35.78 6.81 -0.29
CA ARG A 238 34.96 8.03 -0.22
C ARG A 238 34.38 8.40 -1.58
N LYS A 239 35.21 8.31 -2.63
CA LYS A 239 34.72 8.73 -3.94
C LYS A 239 33.66 7.80 -4.52
N LYS A 240 33.43 6.61 -3.94
CA LYS A 240 32.35 5.76 -4.39
C LYS A 240 31.02 6.05 -3.68
N LEU A 241 31.04 6.79 -2.57
CA LEU A 241 29.83 6.97 -1.76
C LEU A 241 28.99 8.11 -2.30
N VAL A 242 27.70 7.85 -2.51
CA VAL A 242 26.78 8.85 -3.05
C VAL A 242 25.64 9.00 -2.06
N VAL A 243 25.47 10.20 -1.50
CA VAL A 243 24.54 10.45 -0.42
C VAL A 243 23.15 10.74 -0.98
N GLY A 244 22.17 9.92 -0.61
CA GLY A 244 20.81 10.10 -1.11
C GLY A 244 20.06 11.18 -0.33
N VAL A 245 19.32 12.00 -1.05
CA VAL A 245 18.48 13.03 -0.46
C VAL A 245 17.03 12.72 -0.84
N PRO A 246 16.11 12.63 0.12
CA PRO A 246 14.70 12.40 -0.24
C PRO A 246 14.02 13.69 -0.69
N PHE A 247 13.24 13.59 -1.77
CA PHE A 247 12.44 14.70 -2.27
C PHE A 247 10.99 14.61 -1.79
N TYR A 248 10.78 13.95 -0.66
CA TYR A 248 9.46 13.68 -0.11
C TYR A 248 9.58 13.65 1.41
N GLY A 249 8.44 13.78 2.08
CA GLY A 249 8.40 13.76 3.54
C GLY A 249 7.65 12.57 4.12
N GLN A 250 8.03 12.17 5.34
CA GLN A 250 7.26 11.16 6.07
C GLN A 250 6.18 11.88 6.87
N SER A 251 4.92 11.46 6.69
CA SER A 251 3.77 12.08 7.33
C SER A 251 3.19 11.17 8.40
N PHE A 252 2.61 11.80 9.42
CA PHE A 252 2.08 11.11 10.58
C PHE A 252 0.75 11.75 10.96
N SER A 253 -0.06 10.96 11.68
CA SER A 253 -1.25 11.44 12.40
C SER A 253 -0.99 11.30 13.90
N VAL A 254 -0.95 12.42 14.61
CA VAL A 254 -0.52 12.44 16.02
C VAL A 254 -1.69 12.18 16.96
N VAL A 255 -1.43 11.39 18.01
CA VAL A 255 -2.42 11.18 19.06
C VAL A 255 -2.83 12.52 19.66
N GLU A 256 -4.13 12.69 19.88
CA GLU A 256 -4.65 13.98 20.36
C GLU A 256 -4.04 14.38 21.69
N GLY A 257 -3.61 15.64 21.76
CA GLY A 257 -2.99 16.16 22.97
C GLY A 257 -1.54 15.81 23.17
N ALA A 258 -0.88 15.24 22.18
CA ALA A 258 0.52 14.87 22.32
C ALA A 258 1.45 15.95 21.83
N GLY A 259 0.92 17.06 21.33
CA GLY A 259 1.73 18.15 20.84
C GLY A 259 2.12 17.98 19.39
N THR A 260 3.01 18.87 18.95
CA THR A 260 3.55 18.90 17.60
C THR A 260 5.05 18.61 17.57
N GLY A 261 5.61 18.14 18.68
CA GLY A 261 7.03 18.01 18.83
C GLY A 261 7.56 16.74 18.20
N LEU A 262 8.89 16.65 18.17
CA LEU A 262 9.54 15.40 17.77
C LEU A 262 9.26 14.33 18.81
N GLY A 263 9.02 13.12 18.34
CA GLY A 263 8.77 12.01 19.23
C GLY A 263 7.38 11.95 19.82
N ALA A 264 6.44 12.75 19.31
CA ALA A 264 5.08 12.69 19.78
C ALA A 264 4.43 11.41 19.26
N PRO A 265 3.68 10.69 20.11
CA PRO A 265 3.07 9.43 19.68
C PRO A 265 2.08 9.63 18.54
N THR A 266 2.07 8.70 17.60
CA THR A 266 1.21 8.76 16.43
C THR A 266 0.40 7.47 16.33
N TYR A 267 -0.79 7.56 15.72
CA TYR A 267 -1.69 6.43 15.56
C TYR A 267 -1.84 5.97 14.12
N ALA A 268 -1.28 6.68 13.15
CA ALA A 268 -1.42 6.33 11.75
C ALA A 268 -0.52 7.24 10.91
N GLY A 269 -0.35 6.87 9.65
CA GLY A 269 0.23 7.77 8.71
C GLY A 269 -0.64 8.99 8.50
N GLY A 270 -0.04 10.00 7.91
CA GLY A 270 -0.79 11.18 7.57
C GLY A 270 -1.77 10.91 6.45
N GLU A 271 -2.71 11.84 6.31
CA GLU A 271 -3.64 11.79 5.21
C GLU A 271 -2.88 11.78 3.90
N ALA A 272 -3.41 11.07 2.91
CA ALA A 272 -2.75 10.94 1.62
C ALA A 272 -2.78 12.26 0.85
N GLY A 273 -1.75 12.48 0.02
CA GLY A 273 -1.74 13.61 -0.88
C GLY A 273 -2.57 13.36 -2.12
N ASP A 274 -3.00 14.45 -2.75
CA ASP A 274 -3.82 14.32 -3.94
C ASP A 274 -3.06 13.67 -5.08
N GLU A 275 -1.76 13.88 -5.15
CA GLU A 275 -1.00 13.32 -6.27
C GLU A 275 -0.34 11.99 -5.93
N THR A 276 0.29 11.88 -4.76
CA THR A 276 0.96 10.64 -4.44
C THR A 276 0.01 9.58 -3.88
N ARG A 277 -1.14 9.98 -3.35
CA ARG A 277 -2.20 9.03 -2.95
C ARG A 277 -1.64 7.88 -2.12
N ALA A 278 -0.87 8.22 -1.11
CA ALA A 278 -0.27 7.18 -0.27
C ALA A 278 -0.17 7.72 1.14
N ARG A 279 -0.95 7.16 2.05
CA ARG A 279 -0.82 7.54 3.45
C ARG A 279 0.59 7.29 3.91
N GLY A 280 1.17 8.25 4.61
CA GLY A 280 2.49 8.09 5.20
C GLY A 280 3.58 8.89 4.54
N PHE A 281 3.36 9.41 3.33
CA PHE A 281 4.35 10.29 2.74
C PHE A 281 3.66 11.30 1.85
N LEU A 282 4.36 12.42 1.63
CA LEU A 282 3.92 13.50 0.76
C LEU A 282 5.10 13.93 -0.09
N SER A 283 4.84 14.23 -1.36
CA SER A 283 5.87 14.79 -2.21
C SER A 283 6.25 16.18 -1.71
N PHE A 284 7.42 16.66 -2.14
CA PHE A 284 7.84 17.99 -1.73
C PHE A 284 6.85 19.05 -2.21
N TYR A 285 6.34 18.92 -3.44
CA TYR A 285 5.40 19.92 -3.92
C TYR A 285 4.08 19.87 -3.15
N GLU A 286 3.68 18.68 -2.67
CA GLU A 286 2.49 18.58 -1.82
C GLU A 286 2.71 19.27 -0.48
N ILE A 287 3.94 19.21 0.04
CA ILE A 287 4.26 19.92 1.27
C ILE A 287 4.22 21.42 1.04
N CYS A 288 4.73 21.87 -0.11
CA CYS A 288 4.67 23.29 -0.44
C CYS A 288 3.22 23.76 -0.52
N GLU A 289 2.40 22.98 -1.19
CA GLU A 289 0.99 23.30 -1.30
C GLU A 289 0.37 23.48 0.08
N ARG A 290 0.72 22.60 1.02
CA ARG A 290 0.16 22.69 2.37
C ARG A 290 0.64 23.92 3.13
N VAL A 291 1.88 24.34 2.92
CA VAL A 291 2.41 25.52 3.61
C VAL A 291 1.88 26.80 2.98
N LYS A 292 1.90 26.88 1.64
CA LYS A 292 1.53 28.12 0.97
C LYS A 292 0.03 28.36 1.03
N VAL A 293 -0.77 27.36 0.70
CA VAL A 293 -2.22 27.51 0.55
C VAL A 293 -2.98 27.08 1.81
N LYS A 294 -2.51 26.06 2.53
CA LYS A 294 -3.30 25.50 3.63
C LYS A 294 -2.81 25.93 5.00
N GLY A 295 -1.88 26.87 5.07
CA GLY A 295 -1.42 27.43 6.33
C GLY A 295 -0.74 26.46 7.28
N TRP A 296 -0.08 25.43 6.77
CA TRP A 296 0.66 24.54 7.66
C TRP A 296 1.88 25.26 8.24
N LYS A 297 2.18 24.96 9.51
CA LYS A 297 3.26 25.64 10.20
C LYS A 297 4.58 24.88 10.06
N VAL A 298 5.61 25.59 9.64
CA VAL A 298 6.95 25.04 9.46
C VAL A 298 7.71 25.19 10.77
N HIS A 299 8.30 24.10 11.26
CA HIS A 299 9.10 24.11 12.47
C HIS A 299 10.54 23.74 12.10
N ARG A 300 11.50 24.56 12.54
CA ARG A 300 12.90 24.33 12.20
C ARG A 300 13.75 24.04 13.42
N ASP A 301 14.87 23.38 13.17
CA ASP A 301 15.87 23.12 14.20
C ASP A 301 16.95 24.20 14.12
N PRO A 302 17.08 25.06 15.14
CA PRO A 302 18.12 26.10 15.08
C PRO A 302 19.52 25.53 15.05
N GLY A 303 19.74 24.33 15.61
CA GLY A 303 21.02 23.68 15.58
C GLY A 303 21.41 23.09 14.23
N GLY A 304 20.50 23.09 13.26
CA GLY A 304 20.79 22.56 11.93
C GLY A 304 21.08 21.07 11.89
N ARG A 305 20.53 20.29 12.81
CA ARG A 305 20.80 18.85 12.81
C ARG A 305 19.78 18.04 12.02
N ILE A 306 18.56 18.56 11.85
CA ILE A 306 17.51 17.93 11.07
C ILE A 306 16.84 18.99 10.21
N GLY A 307 16.24 18.55 9.09
CA GLY A 307 15.44 19.44 8.29
C GLY A 307 14.16 19.82 9.00
N PRO A 308 13.33 20.61 8.33
CA PRO A 308 12.08 21.07 8.94
C PRO A 308 11.02 19.98 8.97
N TYR A 309 9.94 20.30 9.67
CA TYR A 309 8.70 19.55 9.60
C TYR A 309 7.54 20.54 9.65
N ALA A 310 6.42 20.13 9.08
CA ALA A 310 5.25 20.97 8.93
C ALA A 310 4.07 20.31 9.64
N THR A 311 3.18 21.15 10.19
CA THR A 311 2.06 20.70 11.01
C THR A 311 0.79 21.48 10.70
N HIS A 312 -0.33 20.80 10.93
CA HIS A 312 -1.67 21.33 10.87
C HIS A 312 -2.59 20.32 11.52
N ASP A 313 -3.38 20.76 12.47
CA ASP A 313 -4.23 19.86 13.24
C ASP A 313 -3.38 18.74 13.80
N ASP A 314 -3.72 17.46 13.58
CA ASP A 314 -2.88 16.37 14.06
C ASP A 314 -2.01 15.80 12.94
N GLN A 315 -1.79 16.55 11.87
CA GLN A 315 -0.95 16.09 10.78
C GLN A 315 0.46 16.64 10.96
N TRP A 316 1.45 15.84 10.54
CA TRP A 316 2.85 16.10 10.86
C TRP A 316 3.70 15.47 9.77
N VAL A 317 4.52 16.25 9.08
CA VAL A 317 5.35 15.72 8.00
C VAL A 317 6.75 16.31 8.13
N SER A 318 7.75 15.45 8.13
CA SER A 318 9.15 15.85 8.18
C SER A 318 9.81 15.62 6.83
N PHE A 319 10.64 16.57 6.42
CA PHE A 319 11.15 16.61 5.06
C PHE A 319 12.42 17.45 5.03
N ASP A 320 13.13 17.36 3.92
CA ASP A 320 14.27 18.23 3.60
C ASP A 320 13.79 19.32 2.65
N ASP A 321 14.07 20.56 2.99
CA ASP A 321 13.76 21.69 2.14
C ASP A 321 15.04 22.10 1.42
N ASP A 322 14.98 23.21 0.67
CA ASP A 322 16.15 23.68 -0.07
C ASP A 322 17.36 23.88 0.81
N PHE A 323 17.18 24.34 2.05
CA PHE A 323 18.32 24.63 2.91
C PHE A 323 19.05 23.36 3.34
N MET A 324 18.30 22.33 3.71
CA MET A 324 18.93 21.09 4.11
C MET A 324 19.49 20.33 2.92
N ALA A 325 18.86 20.46 1.75
CA ALA A 325 19.39 19.80 0.56
C ALA A 325 20.71 20.43 0.15
N ARG A 326 20.81 21.76 0.28
CA ARG A 326 22.07 22.45 0.01
C ARG A 326 23.14 21.97 0.99
N HIS A 327 22.80 21.87 2.28
CA HIS A 327 23.78 21.46 3.27
C HIS A 327 24.30 20.06 3.01
N LYS A 328 23.39 19.11 2.68
CA LYS A 328 23.82 17.74 2.41
C LYS A 328 24.67 17.66 1.15
N ALA A 329 24.40 18.50 0.16
CA ALA A 329 25.28 18.57 -0.99
C ALA A 329 26.61 19.22 -0.62
N GLU A 330 26.57 20.26 0.22
CA GLU A 330 27.82 20.85 0.68
C GLU A 330 28.59 19.88 1.57
N TYR A 331 27.87 19.03 2.32
CA TYR A 331 28.52 17.99 3.10
C TYR A 331 29.24 17.00 2.22
N VAL A 332 28.63 16.62 1.09
CA VAL A 332 29.29 15.72 0.14
C VAL A 332 30.58 16.34 -0.38
N ARG A 333 30.55 17.65 -0.68
CA ARG A 333 31.73 18.33 -1.19
C ARG A 333 32.80 18.46 -0.11
N ALA A 334 32.40 18.89 1.08
CA ALA A 334 33.35 19.02 2.18
C ALA A 334 34.00 17.69 2.50
N MET A 335 33.24 16.60 2.41
CA MET A 335 33.72 15.27 2.71
C MET A 335 34.38 14.59 1.52
N GLU A 336 34.34 15.21 0.36
CA GLU A 336 34.96 14.68 -0.85
C GLU A 336 34.41 13.29 -1.21
N LEU A 337 33.08 13.16 -1.18
CA LEU A 337 32.41 11.90 -1.51
C LEU A 337 32.18 11.82 -3.01
N GLY A 338 31.43 10.79 -3.44
CA GLY A 338 31.18 10.60 -4.86
C GLY A 338 30.11 11.50 -5.44
N GLY A 339 29.11 11.88 -4.65
CA GLY A 339 28.10 12.78 -5.18
C GLY A 339 26.83 12.68 -4.35
N SER A 340 25.73 13.11 -4.97
CA SER A 340 24.41 13.08 -4.33
C SER A 340 23.45 12.28 -5.19
N MET A 341 22.48 11.68 -4.52
CA MET A 341 21.43 10.90 -5.15
C MET A 341 20.07 11.50 -4.80
N ALA A 342 19.15 11.49 -5.74
CA ALA A 342 17.82 12.08 -5.55
C ALA A 342 16.76 11.00 -5.74
N TRP A 343 15.99 10.76 -4.69
CA TRP A 343 14.77 9.97 -4.77
C TRP A 343 13.61 10.91 -4.45
N SER A 344 12.84 11.30 -5.45
CA SER A 344 13.05 11.00 -6.86
C SER A 344 12.67 12.23 -7.67
N LEU A 345 12.96 12.20 -8.98
CA LEU A 345 12.75 13.37 -9.83
C LEU A 345 11.32 13.93 -9.74
N ASP A 346 10.33 13.04 -9.69
CA ASP A 346 8.92 13.39 -9.74
C ASP A 346 8.37 13.92 -8.42
N LEU A 347 9.09 13.77 -7.31
CA LEU A 347 8.59 14.24 -6.02
C LEU A 347 9.06 15.66 -5.72
N ASP A 348 10.09 16.11 -6.41
CA ASP A 348 10.48 17.51 -6.42
C ASP A 348 9.39 18.34 -7.06
N ASP A 349 9.42 19.66 -6.81
CA ASP A 349 8.50 20.58 -7.49
C ASP A 349 8.98 20.81 -8.94
N PHE A 350 8.96 19.73 -9.73
CA PHE A 350 9.59 19.77 -11.05
C PHE A 350 8.89 20.73 -12.01
N THR A 351 7.62 21.06 -11.77
CA THR A 351 6.92 22.05 -12.57
C THR A 351 7.17 23.47 -12.11
N GLY A 352 7.57 23.67 -10.84
CA GLY A 352 7.74 25.00 -10.28
C GLY A 352 6.46 25.70 -9.83
N LYS A 353 5.31 25.06 -9.99
CA LYS A 353 4.02 25.67 -9.72
C LYS A 353 3.58 25.58 -8.26
N TYR A 354 4.20 24.76 -7.47
CA TYR A 354 3.82 24.64 -6.13
C TYR A 354 4.59 25.41 -5.14
N CYS A 355 5.87 25.41 -5.29
CA CYS A 355 6.74 26.03 -4.36
C CYS A 355 7.20 27.45 -4.78
N GLY A 356 7.06 27.80 -6.02
CA GLY A 356 7.48 29.08 -6.52
C GLY A 356 8.93 29.42 -6.36
N CYS A 357 9.79 28.42 -6.50
CA CYS A 357 11.24 28.62 -6.35
C CYS A 357 11.91 28.05 -7.58
N GLY A 358 11.20 28.16 -8.70
CA GLY A 358 11.63 27.67 -9.96
C GLY A 358 11.37 26.19 -10.11
N LYS A 359 11.57 25.69 -11.31
CA LYS A 359 11.40 24.31 -11.64
C LYS A 359 12.48 23.44 -11.06
N ALA A 360 12.07 22.35 -10.46
CA ALA A 360 12.97 21.41 -9.81
C ALA A 360 13.87 22.11 -8.78
N PRO A 361 13.29 22.75 -7.77
CA PRO A 361 14.12 23.51 -6.83
C PRO A 361 15.10 22.65 -6.06
N LEU A 362 14.68 21.48 -5.56
CA LEU A 362 15.59 20.65 -4.78
C LEU A 362 16.75 20.14 -5.64
N LEU A 363 16.46 19.68 -6.84
CA LEU A 363 17.51 19.17 -7.71
C LEU A 363 18.40 20.30 -8.20
N THR A 364 17.83 21.46 -8.50
CA THR A 364 18.65 22.60 -8.88
C THR A 364 19.65 22.94 -7.78
N THR A 365 19.17 22.94 -6.53
CA THR A 365 20.02 23.25 -5.39
C THR A 365 21.22 22.31 -5.33
N ILE A 366 20.99 21.01 -5.52
CA ILE A 366 22.08 20.02 -5.45
C ILE A 366 23.06 20.23 -6.59
N ASN A 367 22.54 20.45 -7.81
CA ASN A 367 23.40 20.71 -8.95
C ASN A 367 24.21 21.98 -8.76
N HIS A 368 23.64 22.98 -8.11
CA HIS A 368 24.35 24.21 -7.83
C HIS A 368 25.58 23.96 -6.97
N VAL A 369 25.43 23.12 -5.93
CA VAL A 369 26.53 22.90 -5.00
C VAL A 369 27.58 21.97 -5.61
N LEU A 370 27.15 20.90 -6.29
CA LEU A 370 28.08 19.89 -6.72
C LEU A 370 28.62 20.13 -8.13
N ARG A 371 27.88 20.86 -8.98
CA ARG A 371 28.28 21.02 -10.38
C ARG A 371 28.39 22.47 -10.84
N GLY A 372 28.20 23.44 -9.95
CA GLY A 372 28.41 24.84 -10.27
C GLY A 372 27.34 25.52 -11.10
N LYS A 373 26.13 24.97 -11.16
CA LYS A 373 25.06 25.61 -11.90
C LYS A 373 24.66 26.87 -11.13
N GLU A 374 24.67 28.02 -11.75
CA GLU A 374 24.25 29.23 -11.06
C GLU A 374 22.79 29.04 -10.73
N ALA A 375 22.39 29.50 -9.55
CA ALA A 375 21.05 29.31 -9.09
C ALA A 375 20.59 30.37 -8.17
N PRO A 376 19.28 30.45 -7.97
CA PRO A 376 18.79 31.45 -7.01
C PRO A 376 19.13 31.01 -5.59
N PRO A 377 18.94 31.87 -4.59
CA PRO A 377 19.14 31.42 -3.21
C PRO A 377 18.10 30.39 -2.84
N PRO A 378 18.31 29.64 -1.76
CA PRO A 378 17.28 28.70 -1.31
C PRO A 378 15.97 29.43 -1.03
N CYS A 379 14.87 28.83 -1.38
CA CYS A 379 13.54 29.31 -1.20
C CYS A 379 13.14 29.12 0.27
N ILE A 380 12.51 30.10 0.82
CA ILE A 380 12.09 30.06 2.21
C ILE A 380 10.59 29.72 2.21
N LEU A 381 10.25 28.57 2.71
CA LEU A 381 8.89 28.10 2.66
C LEU A 381 7.86 28.86 3.42
N HIS A 382 8.22 29.27 4.60
CA HIS A 382 7.42 29.98 5.52
C HIS A 382 6.97 31.26 4.91
N GLU A 383 7.71 31.73 3.95
CA GLU A 383 7.38 32.90 3.24
C GLU A 383 6.39 32.50 2.20
N GLU B 1 -36.53 -8.91 -7.02
CA GLU B 1 -35.67 -9.97 -6.49
C GLU B 1 -35.60 -10.01 -4.97
N ARG B 2 -35.83 -11.21 -4.43
CA ARG B 2 -35.90 -11.41 -2.99
C ARG B 2 -34.53 -11.26 -2.31
N PHE B 3 -33.42 -11.65 -2.94
CA PHE B 3 -32.12 -11.63 -2.27
C PHE B 3 -31.12 -10.75 -3.01
N LYS B 4 -30.39 -9.95 -2.25
CA LYS B 4 -29.34 -9.11 -2.81
C LYS B 4 -28.01 -9.86 -2.83
N VAL B 5 -27.18 -9.54 -3.83
CA VAL B 5 -25.77 -9.95 -3.87
C VAL B 5 -24.97 -8.67 -3.99
N VAL B 6 -24.41 -8.20 -2.88
CA VAL B 6 -23.69 -6.93 -2.83
C VAL B 6 -22.21 -7.19 -3.08
N CYS B 7 -21.69 -6.67 -4.19
CA CYS B 7 -20.32 -6.87 -4.63
C CYS B 7 -19.49 -5.64 -4.33
N TYR B 8 -18.39 -5.81 -3.61
CA TYR B 8 -17.46 -4.73 -3.40
C TYR B 8 -16.41 -4.78 -4.50
N TYR B 9 -16.30 -3.67 -5.22
CA TYR B 9 -15.24 -3.45 -6.19
C TYR B 9 -14.24 -2.50 -5.56
N THR B 10 -12.95 -2.81 -5.67
CA THR B 10 -11.90 -1.97 -5.10
C THR B 10 -11.09 -1.37 -6.25
N ASN B 11 -10.98 -0.04 -6.26
CA ASN B 11 -10.28 0.64 -7.36
C ASN B 11 -8.77 0.34 -7.33
N TRP B 12 -8.21 0.09 -6.16
CA TRP B 12 -6.77 -0.15 -6.09
C TRP B 12 -6.38 -1.52 -6.63
N ALA B 13 -7.32 -2.43 -6.90
CA ALA B 13 -6.95 -3.67 -7.56
C ALA B 13 -6.46 -3.44 -8.98
N TRP B 14 -6.67 -2.24 -9.52
CA TRP B 14 -6.14 -1.94 -10.85
C TRP B 14 -4.61 -2.04 -10.88
N TYR B 15 -3.94 -1.67 -9.78
CA TYR B 15 -2.48 -1.62 -9.74
C TYR B 15 -1.83 -2.98 -9.54
N ARG B 16 -2.58 -4.06 -9.49
CA ARG B 16 -1.94 -5.32 -9.18
C ARG B 16 -1.28 -5.92 -10.43
N PRO B 17 -0.19 -6.66 -10.25
CA PRO B 17 0.52 -7.22 -11.40
C PRO B 17 -0.20 -8.40 -12.04
N ASP B 18 -0.03 -8.48 -13.36
CA ASP B 18 -0.42 -9.63 -14.22
C ASP B 18 -1.89 -9.99 -14.01
N ASN B 19 -2.19 -11.26 -13.69
CA ASN B 19 -3.56 -11.74 -13.53
C ASN B 19 -4.28 -11.22 -12.29
N GLY B 20 -3.56 -10.53 -11.39
CA GLY B 20 -4.27 -9.95 -10.27
C GLY B 20 -4.91 -8.63 -10.60
N LYS B 21 -4.56 -8.05 -11.75
CA LYS B 21 -5.14 -6.79 -12.21
C LYS B 21 -6.65 -6.94 -12.37
N TYR B 22 -7.41 -6.00 -11.82
CA TYR B 22 -8.87 -6.06 -11.90
C TYR B 22 -9.37 -4.68 -12.28
N THR B 23 -10.07 -4.60 -13.40
CA THR B 23 -10.56 -3.32 -13.90
C THR B 23 -12.08 -3.29 -13.88
N PRO B 24 -12.71 -2.14 -14.14
CA PRO B 24 -14.17 -2.13 -14.28
C PRO B 24 -14.68 -3.05 -15.38
N GLY B 25 -13.88 -3.29 -16.42
CA GLY B 25 -14.27 -4.22 -17.47
C GLY B 25 -14.28 -5.67 -17.04
N ASP B 26 -13.72 -5.98 -15.87
CA ASP B 26 -13.73 -7.34 -15.35
C ASP B 26 -14.98 -7.65 -14.55
N ILE B 27 -15.79 -6.63 -14.23
CA ILE B 27 -17.02 -6.88 -13.50
C ILE B 27 -17.98 -7.63 -14.40
N ASN B 28 -18.58 -8.68 -13.89
CA ASN B 28 -19.69 -9.34 -14.54
C ASN B 28 -20.97 -8.88 -13.83
N PRO B 29 -21.70 -7.90 -14.37
CA PRO B 29 -22.84 -7.33 -13.63
C PRO B 29 -23.96 -8.31 -13.36
N GLU B 30 -24.08 -9.39 -14.15
CA GLU B 30 -25.10 -10.39 -13.90
C GLU B 30 -24.87 -11.12 -12.57
N LEU B 31 -23.67 -11.03 -12.01
CA LEU B 31 -23.38 -11.70 -10.75
C LEU B 31 -23.55 -10.78 -9.56
N CYS B 32 -24.13 -9.60 -9.74
CA CYS B 32 -24.39 -8.69 -8.64
C CYS B 32 -25.77 -8.07 -8.81
N THR B 33 -26.47 -7.88 -7.69
CA THR B 33 -27.59 -6.95 -7.68
C THR B 33 -27.14 -5.55 -7.36
N HIS B 34 -26.08 -5.42 -6.54
CA HIS B 34 -25.55 -4.12 -6.13
C HIS B 34 -24.03 -4.19 -6.14
N ILE B 35 -23.40 -3.18 -6.74
CA ILE B 35 -21.96 -3.03 -6.78
C ILE B 35 -21.61 -1.84 -5.91
N ILE B 36 -20.65 -2.02 -5.00
CA ILE B 36 -20.17 -0.94 -4.17
C ILE B 36 -18.73 -0.60 -4.57
N TYR B 37 -18.51 0.66 -4.90
CA TYR B 37 -17.21 1.17 -5.31
C TYR B 37 -16.41 1.56 -4.06
N ALA B 38 -15.39 0.77 -3.73
CA ALA B 38 -14.55 1.03 -2.57
C ALA B 38 -13.22 1.57 -3.08
N PHE B 39 -12.77 2.68 -2.51
CA PHE B 39 -13.49 3.50 -1.52
C PHE B 39 -13.35 4.96 -1.96
N ALA B 40 -14.26 5.81 -1.51
CA ALA B 40 -13.98 7.22 -1.38
C ALA B 40 -13.61 7.49 0.07
N VAL B 41 -13.11 8.69 0.35
CA VAL B 41 -12.66 9.05 1.69
C VAL B 41 -13.29 10.37 2.11
N LEU B 42 -13.27 10.63 3.42
CA LEU B 42 -13.79 11.87 3.96
C LEU B 42 -12.67 12.91 3.99
N ASP B 43 -12.92 14.09 3.44
CA ASP B 43 -11.90 15.12 3.50
C ASP B 43 -11.70 15.61 4.93
N LYS B 44 -10.45 15.60 5.40
CA LYS B 44 -10.17 15.94 6.79
C LYS B 44 -10.60 17.36 7.13
N GLU B 45 -10.34 18.32 6.23
CA GLU B 45 -10.69 19.71 6.47
C GLU B 45 -12.18 19.97 6.27
N GLU B 46 -12.73 19.59 5.11
CA GLU B 46 -14.08 19.97 4.76
C GLU B 46 -15.15 19.02 5.29
N LEU B 47 -14.78 17.80 5.68
CA LEU B 47 -15.75 16.79 6.11
C LEU B 47 -16.81 16.57 5.03
N VAL B 48 -16.34 16.38 3.79
CA VAL B 48 -17.19 16.01 2.68
C VAL B 48 -16.52 14.88 1.93
N ILE B 49 -17.32 14.16 1.13
CA ILE B 49 -16.80 13.06 0.32
C ILE B 49 -15.80 13.61 -0.70
N LYS B 50 -14.69 12.89 -0.88
CA LYS B 50 -13.74 13.19 -1.95
C LYS B 50 -13.15 11.90 -2.50
N SER B 51 -12.66 11.99 -3.73
CA SER B 51 -12.01 10.84 -4.34
C SER B 51 -10.66 10.56 -3.68
N HIS B 52 -10.38 9.28 -3.45
CA HIS B 52 -9.09 8.83 -2.91
C HIS B 52 -8.04 8.62 -3.99
N ASP B 53 -8.45 8.58 -5.27
CA ASP B 53 -7.54 8.31 -6.38
C ASP B 53 -8.07 9.09 -7.58
N ILE B 54 -7.71 10.36 -7.65
CA ILE B 54 -8.19 11.23 -8.72
C ILE B 54 -7.80 10.68 -10.08
N TRP B 55 -6.59 10.12 -10.20
CA TRP B 55 -6.15 9.63 -11.50
C TRP B 55 -7.06 8.52 -12.01
N LEU B 56 -7.39 7.56 -11.15
CA LEU B 56 -8.27 6.46 -11.53
C LEU B 56 -9.74 6.89 -11.55
N ASP B 57 -10.24 7.38 -10.40
CA ASP B 57 -11.68 7.61 -10.26
C ASP B 57 -12.19 8.67 -11.22
N VAL B 58 -11.47 9.80 -11.32
CA VAL B 58 -11.94 10.98 -12.05
C VAL B 58 -11.28 11.09 -13.42
N GLU B 59 -9.95 11.23 -13.46
CA GLU B 59 -9.25 11.48 -14.73
C GLU B 59 -9.47 10.36 -15.74
N ASN B 60 -9.45 9.11 -15.29
CA ASN B 60 -9.76 7.97 -16.13
C ASN B 60 -11.19 7.47 -15.94
N LYS B 61 -12.04 8.24 -15.24
CA LYS B 61 -13.48 8.03 -15.25
C LYS B 61 -13.88 6.64 -14.78
N PHE B 62 -13.10 6.10 -13.82
CA PHE B 62 -13.46 4.79 -13.28
C PHE B 62 -14.76 4.81 -12.50
N TYR B 63 -15.08 5.91 -11.83
CA TYR B 63 -16.39 6.05 -11.20
C TYR B 63 -17.50 5.77 -12.21
N GLU B 64 -17.48 6.51 -13.32
CA GLU B 64 -18.53 6.43 -14.33
C GLU B 64 -18.48 5.12 -15.11
N LYS B 65 -17.29 4.55 -15.31
CA LYS B 65 -17.23 3.26 -15.99
C LYS B 65 -17.92 2.20 -15.15
N VAL B 66 -17.88 2.33 -13.83
CA VAL B 66 -18.58 1.36 -12.99
C VAL B 66 -20.05 1.73 -12.88
N THR B 67 -20.39 3.03 -12.69
CA THR B 67 -21.82 3.38 -12.65
C THR B 67 -22.50 3.17 -14.00
N ALA B 68 -21.73 3.11 -15.09
CA ALA B 68 -22.33 2.77 -16.37
C ALA B 68 -22.90 1.35 -16.39
N LEU B 69 -22.46 0.46 -15.50
CA LEU B 69 -23.02 -0.90 -15.51
C LEU B 69 -24.46 -0.95 -15.00
N LYS B 70 -25.00 0.17 -14.50
CA LYS B 70 -26.39 0.16 -14.07
C LYS B 70 -27.35 -0.13 -15.22
N SER B 71 -26.93 0.04 -16.48
CA SER B 71 -27.80 -0.33 -17.58
C SER B 71 -28.11 -1.83 -17.61
N HIS B 72 -27.40 -2.65 -16.85
CA HIS B 72 -27.67 -4.08 -16.74
C HIS B 72 -28.67 -4.39 -15.65
N GLY B 73 -29.33 -3.38 -15.09
CA GLY B 73 -30.26 -3.60 -14.00
C GLY B 73 -29.61 -3.65 -12.64
N VAL B 74 -28.34 -3.32 -12.54
CA VAL B 74 -27.59 -3.30 -11.30
C VAL B 74 -27.66 -1.90 -10.68
N LYS B 75 -27.69 -1.85 -9.35
CA LYS B 75 -27.49 -0.60 -8.64
C LYS B 75 -26.02 -0.43 -8.29
N VAL B 76 -25.50 0.79 -8.40
CA VAL B 76 -24.09 1.06 -8.16
C VAL B 76 -24.00 2.18 -7.14
N LEU B 77 -23.35 1.89 -6.01
CA LEU B 77 -23.20 2.83 -4.91
C LEU B 77 -21.72 3.15 -4.69
N LEU B 78 -21.47 4.30 -4.06
CA LEU B 78 -20.13 4.69 -3.67
C LEU B 78 -19.94 4.33 -2.20
N GLY B 79 -18.88 3.58 -1.92
CA GLY B 79 -18.54 3.26 -0.53
C GLY B 79 -17.57 4.27 0.05
N LEU B 80 -17.91 4.79 1.22
CA LEU B 80 -17.14 5.85 1.85
C LEU B 80 -16.46 5.31 3.10
N GLY B 81 -15.14 5.34 3.11
CA GLY B 81 -14.39 4.97 4.30
C GLY B 81 -13.47 3.79 4.11
N GLY B 82 -13.80 2.65 4.72
CA GLY B 82 -12.89 1.54 4.76
C GLY B 82 -11.97 1.62 5.97
N TRP B 83 -11.16 0.58 6.13
CA TRP B 83 -10.31 0.46 7.32
C TRP B 83 -9.31 1.61 7.42
N ASP B 84 -8.56 1.86 6.34
CA ASP B 84 -7.47 2.84 6.39
C ASP B 84 -7.97 4.26 6.61
N ASP B 85 -9.10 4.64 5.98
CA ASP B 85 -9.65 5.97 6.17
C ASP B 85 -10.34 6.14 7.52
N SER B 86 -10.58 5.05 8.22
CA SER B 86 -11.25 5.12 9.51
C SER B 86 -10.29 5.42 10.66
N ALA B 87 -9.06 5.81 10.36
CA ALA B 87 -8.11 6.19 11.40
C ALA B 87 -8.41 7.60 11.90
N GLY B 88 -8.47 7.76 13.21
CA GLY B 88 -8.63 9.11 13.74
C GLY B 88 -10.08 9.51 13.95
N ASP B 89 -10.27 10.80 14.23
CA ASP B 89 -11.54 11.35 14.69
C ASP B 89 -12.34 12.02 13.57
N LYS B 90 -11.89 11.90 12.33
CA LYS B 90 -12.50 12.59 11.20
C LYS B 90 -14.01 12.34 11.13
N TYR B 91 -14.42 11.07 11.21
CA TYR B 91 -15.84 10.76 11.10
C TYR B 91 -16.60 11.19 12.35
N SER B 92 -15.96 11.08 13.52
CA SER B 92 -16.57 11.52 14.77
C SER B 92 -16.81 13.03 14.78
N ARG B 93 -15.86 13.83 14.27
CA ARG B 93 -16.09 15.26 14.15
C ARG B 93 -17.30 15.55 13.28
N LEU B 94 -17.46 14.77 12.21
CA LEU B 94 -18.59 15.00 11.29
C LEU B 94 -19.92 14.69 11.96
N VAL B 95 -20.05 13.51 12.59
CA VAL B 95 -21.36 13.09 13.08
C VAL B 95 -21.75 13.78 14.38
N ASN B 96 -20.83 14.43 15.08
CA ASN B 96 -21.14 15.13 16.32
C ASN B 96 -21.39 16.62 16.11
N ASN B 97 -21.38 17.11 14.88
CA ASN B 97 -21.60 18.51 14.56
C ASN B 97 -22.77 18.61 13.59
N VAL B 98 -23.84 19.29 14.03
CA VAL B 98 -25.05 19.33 13.23
C VAL B 98 -24.79 20.03 11.91
N SER B 99 -23.98 21.10 11.93
CA SER B 99 -23.69 21.85 10.71
C SER B 99 -22.83 21.04 9.74
N ALA B 100 -21.90 20.23 10.27
CA ALA B 100 -21.05 19.43 9.39
C ALA B 100 -21.87 18.33 8.73
N ARG B 101 -22.79 17.72 9.48
CA ARG B 101 -23.66 16.72 8.87
C ARG B 101 -24.47 17.33 7.74
N ARG B 102 -25.04 18.53 7.97
CA ARG B 102 -25.89 19.15 6.96
C ARG B 102 -25.09 19.47 5.70
N LYS B 103 -23.87 19.98 5.86
CA LYS B 103 -23.03 20.29 4.72
C LYS B 103 -22.55 19.04 4.01
N PHE B 104 -22.31 17.95 4.77
CA PHE B 104 -21.90 16.68 4.18
C PHE B 104 -23.02 16.11 3.31
N VAL B 105 -24.25 16.12 3.83
CA VAL B 105 -25.40 15.55 3.13
C VAL B 105 -25.66 16.27 1.81
N VAL B 106 -25.69 17.61 1.85
CA VAL B 106 -25.91 18.43 0.65
C VAL B 106 -24.81 18.17 -0.37
N HIS B 107 -23.56 18.13 0.09
CA HIS B 107 -22.46 17.87 -0.83
C HIS B 107 -22.48 16.44 -1.35
N ALA B 108 -22.84 15.47 -0.50
CA ALA B 108 -22.82 14.08 -0.92
C ALA B 108 -23.78 13.83 -2.07
N VAL B 109 -24.98 14.45 -2.02
CA VAL B 109 -25.97 14.27 -3.08
C VAL B 109 -25.38 14.70 -4.42
N ASP B 110 -24.74 15.86 -4.45
CA ASP B 110 -24.19 16.36 -5.70
C ASP B 110 -22.98 15.55 -6.11
N PHE B 111 -22.20 15.07 -5.14
CA PHE B 111 -21.05 14.25 -5.50
C PHE B 111 -21.52 12.95 -6.15
N LEU B 112 -22.51 12.29 -5.54
CA LEU B 112 -23.01 11.03 -6.07
C LEU B 112 -23.66 11.21 -7.44
N GLU B 113 -24.43 12.30 -7.61
CA GLU B 113 -25.14 12.49 -8.88
C GLU B 113 -24.18 12.83 -10.02
N GLN B 114 -23.11 13.57 -9.74
CA GLN B 114 -22.22 13.94 -10.83
C GLN B 114 -21.48 12.75 -11.41
N TYR B 115 -21.35 11.65 -10.68
CA TYR B 115 -20.66 10.48 -11.22
C TYR B 115 -21.62 9.32 -11.50
N GLY B 116 -22.93 9.54 -11.38
CA GLY B 116 -23.91 8.52 -11.70
C GLY B 116 -24.13 7.47 -10.64
N PHE B 117 -23.77 7.75 -9.39
CA PHE B 117 -23.97 6.78 -8.33
C PHE B 117 -25.43 6.78 -7.92
N ASP B 118 -25.95 5.57 -7.62
CA ASP B 118 -27.31 5.41 -7.16
C ASP B 118 -27.44 5.57 -5.67
N GLY B 119 -26.34 5.76 -4.96
CA GLY B 119 -26.40 5.94 -3.52
C GLY B 119 -25.04 5.80 -2.87
N LEU B 120 -25.09 5.64 -1.55
CA LEU B 120 -23.91 5.71 -0.69
C LEU B 120 -23.90 4.55 0.29
N ASP B 121 -22.73 3.94 0.44
CA ASP B 121 -22.53 2.88 1.43
C ASP B 121 -21.51 3.40 2.44
N LEU B 122 -21.95 3.56 3.68
CA LEU B 122 -21.15 4.12 4.75
C LEU B 122 -20.25 3.04 5.35
N ASP B 123 -18.93 3.26 5.33
CA ASP B 123 -17.97 2.30 5.84
C ASP B 123 -17.07 2.97 6.88
N TRP B 124 -17.68 3.57 7.89
CA TRP B 124 -16.92 4.11 9.01
C TRP B 124 -16.66 2.97 9.99
N LEU B 125 -15.40 2.60 10.16
CA LEU B 125 -15.04 1.42 10.94
C LEU B 125 -14.26 1.85 12.18
N TYR B 126 -14.96 2.10 13.29
CA TYR B 126 -16.42 2.02 13.43
C TYR B 126 -16.83 3.21 14.30
N PRO B 127 -18.12 3.55 14.34
CA PRO B 127 -18.55 4.60 15.29
C PRO B 127 -18.11 4.22 16.69
N LYS B 128 -17.54 5.19 17.42
CA LYS B 128 -17.04 5.05 18.78
C LYS B 128 -15.76 4.23 18.87
N CYS B 129 -15.78 3.01 18.34
CA CYS B 129 -14.59 2.15 18.36
C CYS B 129 -13.79 2.41 17.09
N TRP B 130 -13.08 3.55 17.07
CA TRP B 130 -12.27 3.89 15.91
C TRP B 130 -11.23 2.80 15.67
N GLN B 131 -11.33 2.15 14.51
CA GLN B 131 -10.50 1.00 14.17
C GLN B 131 -10.44 0.01 15.33
N VAL B 132 -11.62 -0.37 15.81
CA VAL B 132 -11.94 -1.33 16.87
C VAL B 132 -11.48 -0.87 18.25
N GLU B 133 -10.96 0.35 18.35
CA GLU B 133 -10.44 0.80 19.64
C GLU B 133 -11.55 1.55 20.38
N CYS B 134 -12.23 0.85 21.28
CA CYS B 134 -13.45 1.39 21.87
C CYS B 134 -13.19 2.43 22.94
N GLU B 135 -11.95 2.54 23.41
CA GLU B 135 -11.59 3.57 24.38
C GLU B 135 -11.38 4.94 23.72
N LYS B 136 -11.37 5.04 22.39
CA LYS B 136 -10.92 6.26 21.71
C LYS B 136 -12.05 7.24 21.43
N GLY B 137 -13.19 6.77 20.93
CA GLY B 137 -14.27 7.63 20.52
C GLY B 137 -15.29 7.95 21.60
N PRO B 138 -16.04 9.02 21.40
CA PRO B 138 -17.07 9.39 22.38
C PRO B 138 -18.28 8.49 22.27
N ASP B 139 -18.99 8.34 23.40
CA ASP B 139 -20.21 7.56 23.42
C ASP B 139 -21.24 8.10 22.44
N SER B 140 -21.20 9.40 22.16
CA SER B 140 -22.19 10.04 21.28
C SER B 140 -21.99 9.69 19.82
N ASP B 141 -20.92 8.97 19.47
CA ASP B 141 -20.75 8.52 18.10
C ASP B 141 -21.95 7.67 17.67
N LYS B 142 -22.53 6.90 18.61
CA LYS B 142 -23.65 6.05 18.26
C LYS B 142 -24.84 6.85 17.76
N GLN B 143 -25.20 7.89 18.47
CA GLN B 143 -26.29 8.72 18.07
C GLN B 143 -25.95 9.64 16.92
N GLY B 144 -24.74 10.14 16.85
CA GLY B 144 -24.35 10.98 15.74
C GLY B 144 -24.45 10.21 14.44
N PHE B 145 -23.94 8.98 14.43
CA PHE B 145 -24.03 8.17 13.22
C PHE B 145 -25.48 7.92 12.83
N ALA B 146 -26.29 7.51 13.80
CA ALA B 146 -27.73 7.32 13.56
C ALA B 146 -28.37 8.60 13.04
N ASP B 147 -27.97 9.77 13.57
CA ASP B 147 -28.55 11.01 13.05
C ASP B 147 -28.06 11.27 11.64
N LEU B 148 -26.78 11.00 11.35
CA LEU B 148 -26.30 11.15 9.98
C LEU B 148 -27.04 10.23 9.03
N VAL B 149 -27.32 9.00 9.44
CA VAL B 149 -28.04 8.07 8.58
C VAL B 149 -29.46 8.56 8.29
N LYS B 150 -30.18 9.00 9.34
CA LYS B 150 -31.55 9.53 9.18
C LYS B 150 -31.54 10.74 8.26
N GLU B 151 -30.56 11.62 8.42
CA GLU B 151 -30.52 12.81 7.61
C GLU B 151 -30.19 12.48 6.16
N LEU B 152 -29.31 11.50 5.94
CA LEU B 152 -29.06 11.03 4.58
C LEU B 152 -30.29 10.33 4.00
N ARG B 153 -30.99 9.57 4.85
CA ARG B 153 -32.20 8.89 4.39
C ARG B 153 -33.22 9.89 3.86
N LYS B 154 -33.38 11.02 4.56
CA LYS B 154 -34.37 12.01 4.15
C LYS B 154 -33.97 12.71 2.86
N ALA B 155 -32.67 13.03 2.72
CA ALA B 155 -32.23 13.67 1.49
C ALA B 155 -32.22 12.70 0.31
N PHE B 156 -31.86 11.43 0.56
CA PHE B 156 -31.79 10.47 -0.53
C PHE B 156 -33.18 10.07 -1.04
N ASN B 157 -34.16 9.99 -0.14
CA ASN B 157 -35.52 9.63 -0.57
C ASN B 157 -36.11 10.66 -1.53
N ARG B 158 -35.74 11.94 -1.39
CA ARG B 158 -36.22 12.95 -2.33
C ARG B 158 -35.62 12.78 -3.73
N ARG B 159 -34.56 11.97 -3.86
CA ARG B 159 -33.88 11.72 -5.13
C ARG B 159 -33.95 10.26 -5.59
N GLY B 160 -34.53 9.36 -4.80
CA GLY B 160 -34.56 7.95 -5.17
C GLY B 160 -33.21 7.26 -5.06
N MET B 161 -32.36 7.70 -4.13
CA MET B 161 -31.03 7.12 -3.96
C MET B 161 -31.02 6.11 -2.80
N LEU B 162 -30.07 5.19 -2.85
CA LEU B 162 -29.96 4.13 -1.84
C LEU B 162 -28.95 4.51 -0.76
N LEU B 163 -29.19 4.01 0.45
CA LEU B 163 -28.28 4.23 1.57
C LEU B 163 -28.11 2.92 2.33
N SER B 164 -26.86 2.51 2.50
CA SER B 164 -26.52 1.31 3.21
C SER B 164 -25.28 1.57 4.05
N ALA B 165 -24.85 0.55 4.79
CA ALA B 165 -23.71 0.66 5.67
C ALA B 165 -23.10 -0.71 5.88
N ALA B 166 -21.77 -0.76 5.90
CA ALA B 166 -21.02 -1.93 6.31
C ALA B 166 -20.71 -1.79 7.79
N VAL B 167 -20.87 -2.88 8.54
CA VAL B 167 -20.84 -2.82 10.00
C VAL B 167 -20.04 -3.97 10.60
N SER B 168 -19.57 -3.73 11.81
CA SER B 168 -18.78 -4.69 12.55
C SER B 168 -19.59 -5.93 12.87
N ALA B 169 -18.89 -7.05 13.01
CA ALA B 169 -19.50 -8.30 13.48
C ALA B 169 -19.23 -8.56 14.95
N SER B 170 -18.42 -7.74 15.60
CA SER B 170 -18.08 -7.94 16.99
C SER B 170 -19.17 -7.43 17.92
N LYS B 171 -19.57 -8.26 18.88
CA LYS B 171 -20.59 -7.89 19.85
C LYS B 171 -20.22 -6.59 20.57
N ARG B 172 -18.94 -6.49 21.00
CA ARG B 172 -18.50 -5.36 21.79
C ARG B 172 -18.56 -4.06 20.97
N VAL B 173 -18.19 -4.13 19.69
CA VAL B 173 -18.33 -2.95 18.83
C VAL B 173 -19.80 -2.64 18.56
N ILE B 174 -20.61 -3.67 18.26
CA ILE B 174 -22.02 -3.46 17.98
C ILE B 174 -22.69 -2.74 19.14
N ASP B 175 -22.42 -3.19 20.38
CA ASP B 175 -23.02 -2.55 21.55
C ASP B 175 -22.64 -1.08 21.65
N TYR B 176 -21.39 -0.74 21.32
CA TYR B 176 -20.94 0.64 21.41
C TYR B 176 -21.37 1.50 20.23
N ALA B 177 -21.48 0.94 19.02
CA ALA B 177 -21.50 1.74 17.79
C ALA B 177 -22.90 2.01 17.22
N TYR B 178 -23.81 1.04 17.29
CA TYR B 178 -24.96 1.00 16.40
C TYR B 178 -26.27 1.11 17.19
N ASN B 179 -27.03 2.16 16.89
CA ASN B 179 -28.46 2.18 17.18
C ASN B 179 -29.10 1.23 16.18
N VAL B 180 -29.21 -0.05 16.56
CA VAL B 180 -29.61 -1.07 15.61
C VAL B 180 -31.00 -0.80 15.01
N PRO B 181 -32.04 -0.52 15.80
CA PRO B 181 -33.35 -0.28 15.18
C PRO B 181 -33.37 0.93 14.26
N ALA B 182 -32.69 2.01 14.61
CA ALA B 182 -32.67 3.19 13.74
C ALA B 182 -31.98 2.87 12.42
N LEU B 183 -30.87 2.13 12.47
CA LEU B 183 -30.12 1.80 11.27
C LEU B 183 -30.92 0.85 10.37
N SER B 184 -31.51 -0.19 10.97
CA SER B 184 -32.32 -1.13 10.20
C SER B 184 -33.51 -0.43 9.55
N MET B 185 -34.14 0.49 10.27
CA MET B 185 -35.23 1.24 9.70
C MET B 185 -34.76 2.12 8.53
N ASN B 186 -33.62 2.80 8.68
CA ASN B 186 -33.24 3.84 7.73
C ASN B 186 -32.33 3.37 6.60
N LEU B 187 -31.84 2.14 6.63
CA LEU B 187 -30.92 1.67 5.59
C LEU B 187 -31.64 0.69 4.66
N ASP B 188 -31.25 0.74 3.38
CA ASP B 188 -31.78 -0.23 2.43
C ASP B 188 -31.23 -1.63 2.71
N TRP B 189 -30.02 -1.71 3.28
CA TRP B 189 -29.50 -2.96 3.82
C TRP B 189 -28.31 -2.68 4.73
N ILE B 190 -28.02 -3.66 5.58
CA ILE B 190 -26.92 -3.62 6.51
C ILE B 190 -26.02 -4.79 6.14
N SER B 191 -24.84 -4.49 5.60
CA SER B 191 -23.85 -5.50 5.22
C SER B 191 -23.02 -5.87 6.45
N LEU B 192 -23.33 -7.01 7.06
CA LEU B 192 -22.55 -7.54 8.17
C LEU B 192 -21.19 -8.04 7.68
N MET B 193 -20.12 -7.44 8.19
CA MET B 193 -18.76 -7.86 7.81
C MET B 193 -18.36 -9.03 8.69
N THR B 194 -19.05 -10.15 8.45
CA THR B 194 -18.91 -11.40 9.21
C THR B 194 -17.67 -12.19 8.77
N TYR B 195 -16.52 -11.53 8.92
CA TYR B 195 -15.22 -12.10 8.64
C TYR B 195 -14.20 -11.30 9.43
N ASP B 196 -12.93 -11.68 9.30
CA ASP B 196 -11.84 -11.10 10.10
C ASP B 196 -12.10 -11.29 11.59
N TYR B 197 -12.79 -12.38 11.93
CA TYR B 197 -12.90 -12.76 13.33
C TYR B 197 -11.54 -13.12 13.90
N HIS B 198 -10.64 -13.63 13.07
CA HIS B 198 -9.33 -14.09 13.47
C HIS B 198 -8.29 -13.70 12.43
N GLY B 199 -7.08 -13.47 12.90
CA GLY B 199 -6.00 -13.07 12.04
C GLY B 199 -4.71 -13.03 12.83
N GLN B 200 -3.63 -12.60 12.13
CA GLN B 200 -2.31 -12.57 12.73
C GLN B 200 -2.29 -11.86 14.07
N TRP B 201 -3.19 -10.89 14.27
CA TRP B 201 -3.19 -10.13 15.50
C TRP B 201 -3.48 -10.99 16.75
N ASP B 202 -4.08 -12.15 16.54
CA ASP B 202 -4.43 -13.05 17.65
C ASP B 202 -3.21 -13.80 18.19
N LYS B 203 -2.14 -13.83 17.41
CA LYS B 203 -0.92 -14.53 17.82
C LYS B 203 -1.07 -16.05 17.82
N LYS B 204 -2.04 -16.55 17.06
CA LYS B 204 -2.29 -17.95 16.95
C LYS B 204 -3.18 -18.09 15.79
N THR B 205 -3.24 -19.26 15.21
CA THR B 205 -4.04 -19.55 14.07
C THR B 205 -5.51 -19.61 14.31
N GLY B 206 -6.24 -19.06 13.42
CA GLY B 206 -7.68 -19.13 13.54
C GLY B 206 -8.31 -18.97 12.18
N HIS B 207 -9.61 -19.21 12.10
CA HIS B 207 -10.31 -19.05 10.83
C HIS B 207 -10.83 -17.63 10.65
N VAL B 208 -10.71 -17.13 9.43
CA VAL B 208 -11.10 -15.75 9.12
C VAL B 208 -12.57 -15.51 9.40
N ALA B 209 -13.42 -16.51 9.20
CA ALA B 209 -14.87 -16.29 9.29
C ALA B 209 -15.55 -17.57 9.75
N PRO B 210 -15.45 -17.90 11.03
CA PRO B 210 -16.14 -19.10 11.54
C PRO B 210 -17.64 -18.94 11.36
N MET B 211 -18.29 -20.03 10.91
CA MET B 211 -19.73 -20.05 10.73
C MET B 211 -20.45 -20.29 12.06
N TYR B 212 -20.05 -21.32 12.80
CA TYR B 212 -20.66 -21.68 14.07
C TYR B 212 -19.60 -21.86 15.15
N VAL B 213 -20.06 -22.03 16.40
CA VAL B 213 -19.15 -22.23 17.52
C VAL B 213 -18.30 -23.48 17.29
N HIS B 214 -17.02 -23.37 17.60
CA HIS B 214 -16.05 -24.46 17.51
C HIS B 214 -15.57 -24.80 18.90
N ASP B 215 -15.15 -26.05 19.11
CA ASP B 215 -14.77 -26.46 20.46
C ASP B 215 -13.44 -25.82 20.88
N LYS B 216 -12.55 -25.54 19.93
CA LYS B 216 -11.31 -24.84 20.23
C LYS B 216 -11.53 -23.34 20.44
N ASP B 217 -12.79 -22.89 20.46
CA ASP B 217 -13.06 -21.45 20.47
C ASP B 217 -12.78 -20.84 21.81
N THR B 218 -12.09 -19.71 21.79
CA THR B 218 -11.85 -18.95 23.01
C THR B 218 -13.03 -18.03 23.34
N ASP B 219 -13.80 -17.63 22.31
CA ASP B 219 -14.94 -16.72 22.48
C ASP B 219 -16.11 -17.24 21.64
N ASN B 220 -17.24 -17.50 22.27
CA ASN B 220 -18.38 -18.10 21.58
C ASN B 220 -19.18 -17.12 20.75
N THR B 221 -18.81 -15.85 20.72
CA THR B 221 -19.47 -14.85 19.87
C THR B 221 -18.74 -14.63 18.55
N PHE B 222 -17.55 -15.19 18.37
CA PHE B 222 -16.75 -14.92 17.19
C PHE B 222 -17.11 -15.88 16.05
N ASN B 223 -18.35 -15.78 15.59
CA ASN B 223 -18.76 -16.59 14.46
C ASN B 223 -19.95 -15.92 13.77
N VAL B 224 -20.16 -16.31 12.51
CA VAL B 224 -21.19 -15.69 11.67
C VAL B 224 -22.56 -15.83 12.31
N ASN B 225 -22.87 -17.03 12.80
CA ASN B 225 -24.21 -17.32 13.30
C ASN B 225 -24.57 -16.45 14.50
N PHE B 226 -23.62 -16.20 15.42
CA PHE B 226 -23.93 -15.33 16.54
C PHE B 226 -24.17 -13.90 16.08
N THR B 227 -23.28 -13.38 15.23
CA THR B 227 -23.41 -12.00 14.76
C THR B 227 -24.76 -11.75 14.10
N VAL B 228 -25.21 -12.68 13.26
CA VAL B 228 -26.50 -12.48 12.59
C VAL B 228 -27.63 -12.49 13.63
N ASN B 229 -27.64 -13.51 14.50
CA ASN B 229 -28.70 -13.60 15.50
C ASN B 229 -28.67 -12.43 16.46
N TYR B 230 -27.47 -11.90 16.76
CA TYR B 230 -27.36 -10.76 17.66
C TYR B 230 -27.97 -9.52 17.05
N TRP B 231 -27.69 -9.26 15.75
CA TRP B 231 -28.35 -8.15 15.07
C TRP B 231 -29.87 -8.32 15.08
N ILE B 232 -30.34 -9.55 14.90
CA ILE B 232 -31.78 -9.79 14.97
C ILE B 232 -32.31 -9.52 16.37
N ASN B 233 -31.65 -10.05 17.40
CA ASN B 233 -32.15 -9.85 18.76
C ASN B 233 -32.10 -8.39 19.17
N LYS B 234 -31.14 -7.63 18.64
CA LYS B 234 -31.01 -6.22 18.97
C LYS B 234 -32.02 -5.33 18.24
N GLY B 235 -32.89 -5.90 17.41
CA GLY B 235 -34.00 -5.22 16.81
C GLY B 235 -33.96 -5.05 15.29
N ALA B 236 -33.00 -5.65 14.60
CA ALA B 236 -32.88 -5.40 13.18
C ALA B 236 -33.88 -6.25 12.39
N ASP B 237 -34.32 -5.71 11.27
CA ASP B 237 -35.19 -6.41 10.32
C ASP B 237 -34.33 -7.40 9.53
N ARG B 238 -34.68 -8.69 9.63
CA ARG B 238 -33.94 -9.76 8.95
C ARG B 238 -33.66 -9.44 7.49
N LYS B 239 -34.67 -8.90 6.79
CA LYS B 239 -34.58 -8.67 5.36
C LYS B 239 -33.62 -7.54 5.04
N LYS B 240 -33.18 -6.79 6.05
CA LYS B 240 -32.16 -5.76 5.90
C LYS B 240 -30.75 -6.28 6.11
N LEU B 241 -30.59 -7.48 6.67
CA LEU B 241 -29.28 -8.00 7.00
C LEU B 241 -28.66 -8.70 5.80
N VAL B 242 -27.41 -8.35 5.48
CA VAL B 242 -26.68 -8.94 4.37
C VAL B 242 -25.40 -9.54 4.92
N VAL B 243 -25.22 -10.84 4.77
CA VAL B 243 -24.12 -11.58 5.40
C VAL B 243 -22.89 -11.50 4.51
N GLY B 244 -21.81 -10.93 5.03
CA GLY B 244 -20.57 -10.81 4.27
C GLY B 244 -19.82 -12.13 4.21
N VAL B 245 -19.30 -12.44 3.02
CA VAL B 245 -18.45 -13.60 2.79
C VAL B 245 -17.09 -13.08 2.31
N PRO B 246 -16.00 -13.47 2.95
CA PRO B 246 -14.67 -13.07 2.47
C PRO B 246 -14.22 -13.94 1.30
N PHE B 247 -13.65 -13.31 0.27
CA PHE B 247 -13.04 -13.98 -0.87
C PHE B 247 -11.53 -14.09 -0.71
N TYR B 248 -11.07 -14.10 0.53
CA TYR B 248 -9.66 -14.13 0.84
C TYR B 248 -9.47 -14.88 2.15
N GLY B 249 -8.24 -15.27 2.41
CA GLY B 249 -7.90 -15.97 3.63
C GLY B 249 -6.95 -15.15 4.48
N GLN B 250 -6.99 -15.40 5.79
CA GLN B 250 -5.99 -14.83 6.70
C GLN B 250 -4.81 -15.79 6.82
N SER B 251 -3.62 -15.27 6.58
CA SER B 251 -2.42 -16.10 6.57
C SER B 251 -1.57 -15.86 7.82
N PHE B 252 -0.84 -16.90 8.22
CA PHE B 252 -0.01 -16.87 9.42
C PHE B 252 1.34 -17.51 9.14
N SER B 253 2.31 -17.16 9.98
CA SER B 253 3.58 -17.85 10.06
C SER B 253 3.64 -18.55 11.41
N VAL B 254 3.65 -19.87 11.38
CA VAL B 254 3.47 -20.67 12.58
C VAL B 254 4.83 -20.92 13.21
N VAL B 255 4.84 -20.87 14.55
CA VAL B 255 6.02 -21.23 15.30
C VAL B 255 6.48 -22.64 14.93
N GLU B 256 7.80 -22.77 14.73
CA GLU B 256 8.42 -24.06 14.42
C GLU B 256 8.10 -25.07 15.50
N GLY B 257 7.66 -26.26 15.07
CA GLY B 257 7.30 -27.31 15.99
C GLY B 257 5.93 -27.19 16.61
N ALA B 258 5.08 -26.28 16.14
CA ALA B 258 3.75 -26.08 16.73
C ALA B 258 2.65 -26.82 16.00
N GLY B 259 2.96 -27.51 14.92
CA GLY B 259 1.94 -28.24 14.21
C GLY B 259 1.19 -27.35 13.24
N THR B 260 0.12 -27.93 12.70
CA THR B 260 -0.73 -27.28 11.71
C THR B 260 -2.14 -27.05 12.24
N GLY B 261 -2.35 -27.18 13.55
CA GLY B 261 -3.70 -27.18 14.07
C GLY B 261 -4.27 -25.79 14.28
N LEU B 262 -5.57 -25.78 14.57
CA LEU B 262 -6.24 -24.56 14.96
C LEU B 262 -5.68 -24.07 16.29
N GLY B 263 -5.40 -22.78 16.40
CA GLY B 263 -4.85 -22.24 17.62
C GLY B 263 -3.36 -22.42 17.82
N ALA B 264 -2.62 -22.78 16.78
CA ALA B 264 -1.18 -22.91 16.91
C ALA B 264 -0.52 -21.54 17.02
N PRO B 265 0.49 -21.39 17.90
CA PRO B 265 1.15 -20.07 18.07
C PRO B 265 1.82 -19.61 16.78
N THR B 266 1.75 -18.30 16.53
CA THR B 266 2.29 -17.69 15.32
C THR B 266 3.24 -16.55 15.68
N TYR B 267 4.22 -16.34 14.81
CA TYR B 267 5.21 -15.29 15.05
C TYR B 267 5.10 -14.14 14.06
N ALA B 268 4.20 -14.23 13.09
CA ALA B 268 4.01 -13.20 12.06
C ALA B 268 2.81 -13.57 11.20
N GLY B 269 2.38 -12.61 10.38
CA GLY B 269 1.49 -12.93 9.29
C GLY B 269 2.18 -13.83 8.28
N GLY B 270 1.41 -14.47 7.43
CA GLY B 270 2.01 -15.31 6.42
C GLY B 270 2.72 -14.49 5.36
N GLU B 271 3.62 -15.15 4.64
CA GLU B 271 4.33 -14.52 3.54
C GLU B 271 3.33 -13.99 2.51
N ALA B 272 3.64 -12.83 1.94
CA ALA B 272 2.72 -12.16 1.04
C ALA B 272 2.59 -12.93 -0.28
N GLY B 273 1.39 -12.81 -0.88
CA GLY B 273 1.17 -13.39 -2.18
C GLY B 273 1.79 -12.57 -3.29
N ASP B 274 2.02 -13.24 -4.41
CA ASP B 274 2.68 -12.59 -5.54
C ASP B 274 1.85 -11.46 -6.12
N GLU B 275 0.53 -11.59 -6.11
CA GLU B 275 -0.36 -10.60 -6.72
C GLU B 275 -0.91 -9.58 -5.74
N THR B 276 -1.39 -10.01 -4.57
CA THR B 276 -1.93 -9.05 -3.61
C THR B 276 -0.83 -8.37 -2.79
N ARG B 277 0.31 -9.01 -2.64
CA ARG B 277 1.51 -8.43 -2.00
C ARG B 277 1.20 -7.74 -0.67
N ALA B 278 0.59 -8.50 0.23
CA ALA B 278 0.28 -7.95 1.55
C ALA B 278 0.43 -9.07 2.54
N ARG B 279 1.41 -8.93 3.41
CA ARG B 279 1.66 -9.87 4.48
C ARG B 279 0.39 -10.03 5.31
N GLY B 280 -0.02 -11.27 5.56
CA GLY B 280 -1.15 -11.52 6.43
C GLY B 280 -2.44 -11.94 5.74
N PHE B 281 -2.55 -11.81 4.41
CA PHE B 281 -3.73 -12.32 3.75
C PHE B 281 -3.38 -12.76 2.35
N LEU B 282 -4.20 -13.66 1.81
CA LEU B 282 -4.06 -14.17 0.46
C LEU B 282 -5.42 -14.20 -0.20
N SER B 283 -5.44 -13.85 -1.48
CA SER B 283 -6.66 -13.99 -2.25
C SER B 283 -6.99 -15.46 -2.44
N PHE B 284 -8.26 -15.72 -2.81
CA PHE B 284 -8.68 -17.09 -3.07
C PHE B 284 -7.89 -17.69 -4.23
N TYR B 285 -7.63 -16.90 -5.29
CA TYR B 285 -6.86 -17.46 -6.40
C TYR B 285 -5.41 -17.72 -6.01
N GLU B 286 -4.84 -16.88 -5.14
CA GLU B 286 -3.51 -17.17 -4.61
C GLU B 286 -3.52 -18.44 -3.76
N ILE B 287 -4.60 -18.71 -3.04
CA ILE B 287 -4.70 -19.94 -2.28
C ILE B 287 -4.83 -21.14 -3.22
N CYS B 288 -5.62 -21.00 -4.29
CA CYS B 288 -5.80 -22.10 -5.24
C CYS B 288 -4.46 -22.50 -5.84
N GLU B 289 -3.65 -21.52 -6.24
CA GLU B 289 -2.34 -21.86 -6.80
C GLU B 289 -1.50 -22.66 -5.81
N ARG B 290 -1.54 -22.29 -4.53
CA ARG B 290 -0.75 -22.99 -3.52
C ARG B 290 -1.21 -24.43 -3.34
N VAL B 291 -2.51 -24.67 -3.44
CA VAL B 291 -3.02 -26.02 -3.33
C VAL B 291 -2.74 -26.80 -4.61
N LYS B 292 -2.95 -26.17 -5.78
CA LYS B 292 -2.78 -26.88 -7.05
C LYS B 292 -1.31 -27.14 -7.37
N VAL B 293 -0.48 -26.10 -7.32
CA VAL B 293 0.87 -26.11 -7.86
C VAL B 293 1.94 -26.33 -6.80
N LYS B 294 1.72 -25.81 -5.60
CA LYS B 294 2.73 -25.82 -4.53
C LYS B 294 2.47 -26.88 -3.49
N GLY B 295 1.50 -27.77 -3.72
CA GLY B 295 1.27 -28.87 -2.80
C GLY B 295 0.83 -28.49 -1.40
N TRP B 296 0.17 -27.36 -1.23
CA TRP B 296 -0.36 -27.04 0.09
C TRP B 296 -1.47 -28.02 0.45
N LYS B 297 -1.49 -28.42 1.72
CA LYS B 297 -2.39 -29.45 2.20
C LYS B 297 -3.63 -28.77 2.80
N VAL B 298 -4.82 -29.22 2.35
CA VAL B 298 -6.10 -28.65 2.77
C VAL B 298 -6.61 -29.42 3.97
N HIS B 299 -6.99 -28.70 5.03
CA HIS B 299 -7.55 -29.29 6.25
C HIS B 299 -8.99 -28.82 6.40
N ARG B 300 -9.90 -29.77 6.57
CA ARG B 300 -11.31 -29.44 6.68
C ARG B 300 -11.83 -29.83 8.05
N ASP B 301 -12.95 -29.18 8.42
CA ASP B 301 -13.66 -29.47 9.63
C ASP B 301 -14.79 -30.45 9.30
N PRO B 302 -14.75 -31.67 9.81
CA PRO B 302 -15.86 -32.59 9.55
C PRO B 302 -17.17 -32.11 10.14
N GLY B 303 -17.10 -31.33 11.23
CA GLY B 303 -18.31 -30.81 11.86
C GLY B 303 -18.96 -29.66 11.13
N GLY B 304 -18.35 -29.13 10.07
CA GLY B 304 -18.96 -28.06 9.29
C GLY B 304 -19.15 -26.74 9.99
N ARG B 305 -18.32 -26.41 10.99
CA ARG B 305 -18.48 -25.16 11.71
C ARG B 305 -17.59 -24.04 11.16
N ILE B 306 -16.47 -24.40 10.53
CA ILE B 306 -15.54 -23.44 9.94
C ILE B 306 -15.17 -23.96 8.56
N GLY B 307 -14.74 -23.02 7.70
CA GLY B 307 -14.24 -23.37 6.41
C GLY B 307 -12.89 -24.05 6.52
N PRO B 308 -12.31 -24.38 5.37
CA PRO B 308 -11.00 -25.05 5.38
C PRO B 308 -9.86 -24.08 5.70
N TYR B 309 -8.69 -24.68 5.90
CA TYR B 309 -7.43 -23.94 5.94
C TYR B 309 -6.37 -24.76 5.23
N ALA B 310 -5.35 -24.07 4.72
CA ALA B 310 -4.29 -24.69 3.94
C ALA B 310 -2.94 -24.40 4.58
N THR B 311 -2.02 -25.35 4.44
CA THR B 311 -0.73 -25.30 5.10
C THR B 311 0.37 -25.79 4.18
N HIS B 312 1.57 -25.27 4.45
CA HIS B 312 2.80 -25.72 3.82
C HIS B 312 3.96 -25.07 4.56
N ASP B 313 4.97 -25.90 4.86
CA ASP B 313 6.11 -25.53 5.69
C ASP B 313 5.54 -24.85 6.94
N ASP B 314 5.89 -23.62 7.25
CA ASP B 314 5.29 -22.99 8.42
C ASP B 314 4.17 -22.00 8.06
N GLN B 315 3.63 -22.07 6.85
CA GLN B 315 2.56 -21.19 6.41
C GLN B 315 1.20 -21.81 6.62
N TRP B 316 0.21 -20.96 6.87
CA TRP B 316 -1.10 -21.37 7.34
C TRP B 316 -2.10 -20.31 6.92
N VAL B 317 -3.14 -20.68 6.16
CA VAL B 317 -4.12 -19.72 5.68
C VAL B 317 -5.52 -20.31 5.83
N SER B 318 -6.44 -19.56 6.44
CA SER B 318 -7.82 -19.99 6.58
C SER B 318 -8.75 -19.14 5.70
N PHE B 319 -9.72 -19.79 5.07
CA PHE B 319 -10.50 -19.16 4.01
C PHE B 319 -11.83 -19.89 3.86
N ASP B 320 -12.73 -19.28 3.10
CA ASP B 320 -13.96 -19.91 2.68
C ASP B 320 -13.81 -20.43 1.25
N ASP B 321 -14.23 -21.67 1.03
CA ASP B 321 -14.23 -22.22 -0.33
C ASP B 321 -15.66 -22.29 -0.88
N ASP B 322 -15.81 -22.95 -2.04
CA ASP B 322 -17.12 -23.05 -2.68
C ASP B 322 -18.14 -23.68 -1.75
N PHE B 323 -17.72 -24.64 -0.92
CA PHE B 323 -18.67 -25.33 -0.03
C PHE B 323 -19.15 -24.41 1.10
N MET B 324 -18.22 -23.69 1.74
CA MET B 324 -18.63 -22.78 2.80
C MET B 324 -19.33 -21.53 2.27
N ALA B 325 -18.95 -21.08 1.07
CA ALA B 325 -19.67 -19.95 0.47
C ALA B 325 -21.11 -20.35 0.15
N ARG B 326 -21.32 -21.56 -0.37
CA ARG B 326 -22.67 -22.04 -0.62
C ARG B 326 -23.46 -22.19 0.66
N HIS B 327 -22.84 -22.75 1.71
CA HIS B 327 -23.56 -22.93 2.97
C HIS B 327 -24.00 -21.59 3.55
N LYS B 328 -23.11 -20.57 3.50
CA LYS B 328 -23.46 -19.26 4.02
C LYS B 328 -24.55 -18.58 3.21
N ALA B 329 -24.60 -18.80 1.89
CA ALA B 329 -25.72 -18.28 1.11
C ALA B 329 -27.00 -19.04 1.41
N GLU B 330 -26.91 -20.38 1.57
CA GLU B 330 -28.10 -21.15 1.94
C GLU B 330 -28.58 -20.78 3.32
N TYR B 331 -27.66 -20.38 4.20
CA TYR B 331 -28.02 -19.90 5.53
C TYR B 331 -28.85 -18.62 5.43
N VAL B 332 -28.47 -17.70 4.55
CA VAL B 332 -29.24 -16.49 4.31
C VAL B 332 -30.66 -16.84 3.87
N ARG B 333 -30.80 -17.84 3.01
CA ARG B 333 -32.11 -18.24 2.53
C ARG B 333 -32.93 -18.88 3.64
N ALA B 334 -32.34 -19.83 4.36
CA ALA B 334 -33.05 -20.47 5.46
C ALA B 334 -33.44 -19.46 6.53
N MET B 335 -32.56 -18.48 6.80
CA MET B 335 -32.82 -17.43 7.79
C MET B 335 -33.64 -16.27 7.23
N GLU B 336 -33.92 -16.27 5.93
CA GLU B 336 -34.72 -15.25 5.29
C GLU B 336 -34.15 -13.85 5.53
N LEU B 337 -32.85 -13.72 5.31
CA LEU B 337 -32.15 -12.44 5.46
C LEU B 337 -32.23 -11.66 4.15
N GLY B 338 -31.52 -10.53 4.10
CA GLY B 338 -31.55 -9.70 2.90
C GLY B 338 -30.70 -10.21 1.75
N GLY B 339 -29.59 -10.88 2.04
CA GLY B 339 -28.77 -11.43 0.99
C GLY B 339 -27.34 -11.62 1.48
N SER B 340 -26.42 -11.66 0.53
CA SER B 340 -25.02 -11.85 0.84
C SER B 340 -24.21 -10.70 0.25
N MET B 341 -23.08 -10.44 0.90
CA MET B 341 -22.10 -9.45 0.49
C MET B 341 -20.76 -10.15 0.26
N ALA B 342 -20.00 -9.69 -0.74
CA ALA B 342 -18.73 -10.32 -1.09
C ALA B 342 -17.61 -9.30 -0.96
N TRP B 343 -16.62 -9.61 -0.12
CA TRP B 343 -15.39 -8.84 -0.09
C TRP B 343 -14.24 -9.73 -0.58
N SER B 344 -13.72 -9.46 -1.79
CA SER B 344 -14.22 -8.48 -2.76
C SER B 344 -14.07 -9.10 -4.14
N LEU B 345 -14.65 -8.49 -5.19
CA LEU B 345 -14.69 -9.13 -6.52
C LEU B 345 -13.31 -9.56 -7.01
N ASP B 346 -12.29 -8.72 -6.78
CA ASP B 346 -10.94 -8.94 -7.29
C ASP B 346 -10.17 -10.02 -6.53
N LEU B 347 -10.66 -10.48 -5.37
CA LEU B 347 -9.98 -11.52 -4.58
C LEU B 347 -10.44 -12.93 -4.95
N ASP B 348 -11.60 -13.04 -5.59
CA ASP B 348 -12.11 -14.26 -6.21
C ASP B 348 -11.25 -14.64 -7.41
N ASP B 349 -11.32 -15.92 -7.81
CA ASP B 349 -10.66 -16.34 -9.04
C ASP B 349 -11.44 -15.82 -10.26
N PHE B 350 -11.45 -14.49 -10.41
CA PHE B 350 -12.32 -13.87 -11.40
C PHE B 350 -11.93 -14.24 -12.83
N THR B 351 -10.66 -14.57 -13.08
CA THR B 351 -10.23 -14.98 -14.40
C THR B 351 -10.49 -16.46 -14.66
N GLY B 352 -10.61 -17.26 -13.61
CA GLY B 352 -10.78 -18.69 -13.74
C GLY B 352 -9.52 -19.48 -13.99
N LYS B 353 -8.36 -18.81 -14.07
CA LYS B 353 -7.11 -19.47 -14.43
C LYS B 353 -6.40 -20.11 -13.25
N TYR B 354 -6.78 -19.78 -12.02
CA TYR B 354 -6.08 -20.29 -10.85
C TYR B 354 -6.75 -21.53 -10.24
N CYS B 355 -8.08 -21.56 -10.16
CA CYS B 355 -8.77 -22.67 -9.51
C CYS B 355 -9.30 -23.72 -10.48
N GLY B 356 -9.38 -23.39 -11.77
CA GLY B 356 -9.92 -24.28 -12.79
C GLY B 356 -11.38 -24.65 -12.64
N CYS B 357 -12.23 -23.70 -12.26
CA CYS B 357 -13.62 -24.07 -12.08
C CYS B 357 -14.52 -22.94 -12.54
N GLY B 358 -14.10 -22.26 -13.61
CA GLY B 358 -14.86 -21.19 -14.21
C GLY B 358 -14.55 -19.87 -13.56
N LYS B 359 -15.00 -18.82 -14.23
CA LYS B 359 -14.73 -17.48 -13.76
C LYS B 359 -15.54 -17.20 -12.50
N ALA B 360 -14.87 -16.58 -11.52
CA ALA B 360 -15.48 -16.16 -10.27
C ALA B 360 -16.26 -17.29 -9.59
N PRO B 361 -15.59 -18.37 -9.20
CA PRO B 361 -16.31 -19.51 -8.62
C PRO B 361 -17.03 -19.20 -7.32
N LEU B 362 -16.42 -18.45 -6.42
CA LEU B 362 -17.08 -18.12 -5.16
C LEU B 362 -18.32 -17.27 -5.40
N LEU B 363 -18.19 -16.26 -6.27
CA LEU B 363 -19.33 -15.38 -6.53
C LEU B 363 -20.43 -16.12 -7.26
N THR B 364 -20.07 -16.95 -8.24
CA THR B 364 -21.04 -17.78 -8.95
C THR B 364 -21.82 -18.67 -7.99
N THR B 365 -21.12 -19.26 -7.01
CA THR B 365 -21.77 -20.10 -6.01
C THR B 365 -22.86 -19.33 -5.25
N ILE B 366 -22.58 -18.10 -4.85
CA ILE B 366 -23.56 -17.31 -4.10
C ILE B 366 -24.75 -16.92 -4.97
N ASN B 367 -24.49 -16.49 -6.22
CA ASN B 367 -25.57 -16.17 -7.15
C ASN B 367 -26.41 -17.39 -7.48
N HIS B 368 -25.78 -18.56 -7.51
CA HIS B 368 -26.48 -19.80 -7.74
C HIS B 368 -27.51 -20.05 -6.64
N VAL B 369 -27.14 -19.81 -5.39
CA VAL B 369 -28.02 -20.11 -4.27
C VAL B 369 -29.11 -19.05 -4.12
N LEU B 370 -28.75 -17.77 -4.22
CA LEU B 370 -29.68 -16.69 -3.87
C LEU B 370 -30.49 -16.18 -5.04
N ARG B 371 -30.02 -16.33 -6.27
CA ARG B 371 -30.71 -15.79 -7.44
C ARG B 371 -31.00 -16.85 -8.48
N GLY B 372 -30.64 -18.10 -8.20
CA GLY B 372 -30.99 -19.17 -9.11
C GLY B 372 -30.18 -19.23 -10.38
N LYS B 373 -29.04 -18.55 -10.43
CA LYS B 373 -28.20 -18.67 -11.62
C LYS B 373 -27.60 -20.05 -11.68
N GLU B 374 -27.56 -20.63 -12.87
CA GLU B 374 -26.93 -21.94 -13.01
C GLU B 374 -25.43 -21.80 -12.77
N ALA B 375 -24.81 -22.90 -12.38
CA ALA B 375 -23.44 -22.86 -11.91
C ALA B 375 -22.81 -24.23 -12.10
N PRO B 376 -21.48 -24.32 -12.10
CA PRO B 376 -20.80 -25.63 -12.11
C PRO B 376 -20.96 -26.30 -10.76
N PRO B 377 -20.55 -27.55 -10.60
CA PRO B 377 -20.53 -28.12 -9.26
C PRO B 377 -19.51 -27.40 -8.41
N PRO B 378 -19.58 -27.52 -7.09
CA PRO B 378 -18.58 -26.88 -6.23
C PRO B 378 -17.18 -27.35 -6.58
N CYS B 379 -16.24 -26.42 -6.58
CA CYS B 379 -14.85 -26.76 -6.82
C CYS B 379 -14.26 -27.42 -5.57
N ILE B 380 -13.74 -28.64 -5.72
CA ILE B 380 -13.09 -29.34 -4.62
C ILE B 380 -11.59 -29.11 -4.76
N LEU B 381 -11.09 -28.30 -3.88
CA LEU B 381 -9.74 -27.86 -3.90
C LEU B 381 -8.70 -28.93 -4.05
N HIS B 382 -8.75 -29.92 -3.22
CA HIS B 382 -7.83 -31.03 -3.21
C HIS B 382 -7.73 -31.81 -4.50
N GLU B 383 -8.77 -31.78 -5.30
CA GLU B 383 -8.83 -32.49 -6.56
C GLU B 383 -7.81 -32.09 -7.61
C1 NAG C . 12.42 -2.06 12.92
C2 NAG C . 11.16 -1.70 12.19
C3 NAG C . 11.56 -1.25 10.82
C4 NAG C . 12.60 -0.14 10.85
C5 NAG C . 13.68 -0.47 11.82
C6 NAG C . 14.45 0.72 12.24
C7 NAG C . 9.14 -2.83 12.81
C8 NAG C . 8.40 -4.09 12.81
N2 NAG C . 10.27 -2.82 12.17
O1 NAG C . 11.93 -2.40 14.17
O3 NAG C . 10.33 -0.84 10.30
O4 NAG C . 13.30 -0.08 9.66
O5 NAG C . 13.11 -0.86 13.03
O6 NAG C . 13.98 0.82 13.54
O7 NAG C . 8.73 -1.89 13.34
C1 NAG C . 12.80 0.85 8.78
C2 NAG C . 13.99 1.25 7.98
C3 NAG C . 13.58 1.89 6.66
C4 NAG C . 12.48 1.15 5.94
C5 NAG C . 11.39 0.83 6.91
C6 NAG C . 10.42 -0.11 6.29
C7 NAG C . 16.06 1.95 8.95
C8 NAG C . 16.76 3.12 9.45
N2 NAG C . 14.79 2.13 8.73
O3 NAG C . 14.70 1.93 5.87
O4 NAG C . 11.92 1.93 4.93
O5 NAG C . 11.97 0.11 7.94
O6 NAG C . 9.49 -0.45 7.25
O7 NAG C . 16.62 0.95 8.75
C1 NAG C . 12.12 1.49 3.64
C2 NAG C . 11.07 1.99 2.71
C3 NAG C . 11.57 1.92 1.28
C4 NAG C . 12.94 2.53 1.09
C5 NAG C . 13.85 1.91 2.11
C6 NAG C . 15.16 2.63 2.16
C7 NAG C . 8.77 1.64 3.47
C8 NAG C . 7.75 0.63 3.68
N2 NAG C . 9.85 1.26 2.84
O3 NAG C . 10.65 2.57 0.48
O4 NAG C . 13.27 2.16 -0.21
O5 NAG C . 13.29 2.13 3.35
O6 NAG C . 16.26 1.81 2.29
O7 NAG C . 8.58 2.71 3.86
C1 NAG C . 13.91 3.06 -1.11
C2 NAG C . 13.71 2.54 -2.51
C3 NAG C . 12.35 2.86 -3.10
C4 NAG C . 11.41 3.69 -2.25
C5 NAG C . 12.27 4.83 -1.70
C6 NAG C . 11.56 5.75 -0.75
C7 NAG C . 15.60 2.26 -3.97
C8 NAG C . 16.59 2.99 -4.79
N2 NAG C . 14.73 3.01 -3.41
O3 NAG C . 11.76 1.65 -3.45
O4 NAG C . 10.36 4.18 -2.98
O5 NAG C . 13.44 4.35 -1.05
O6 NAG C . 10.91 5.05 0.25
O7 NAG C . 15.62 1.10 -3.88
C1 NAG C . 9.20 3.49 -2.76
C2 NAG C . 8.03 4.39 -2.97
C3 NAG C . 6.75 3.58 -2.96
C4 NAG C . 6.84 2.47 -4.00
C5 NAG C . 8.10 1.68 -3.79
C6 NAG C . 8.33 0.65 -4.86
C7 NAG C . 8.22 6.65 -2.33
C8 NAG C . 8.20 7.59 -1.19
N2 NAG C . 7.94 5.44 -2.04
O3 NAG C . 5.72 4.44 -3.24
O4 NAG C . 5.75 1.62 -3.96
O5 NAG C . 9.12 2.63 -3.83
O6 NAG C . 9.30 -0.31 -4.49
O7 NAG C . 8.47 7.01 -3.41
C1 NAG D . 29.68 13.60 12.10
C2 NAG D . 29.81 14.60 13.25
C3 NAG D . 31.22 14.58 13.83
C4 NAG D . 31.69 13.15 14.11
C5 NAG D . 31.51 12.36 12.83
C6 NAG D . 31.98 10.93 12.91
C7 NAG D . 28.62 16.76 13.38
C8 NAG D . 28.48 18.13 12.77
N2 NAG D . 29.49 15.95 12.78
O3 NAG D . 31.23 15.38 15.01
O4 NAG D . 33.08 13.02 14.41
O5 NAG D . 30.12 12.33 12.53
O6 NAG D . 31.67 10.36 14.17
O7 NAG D . 27.96 16.41 14.35
C1 NAG D . 33.68 13.80 15.46
C2 NAG D . 34.81 12.97 16.07
C3 NAG D . 35.59 13.80 17.12
C4 NAG D . 35.96 15.19 16.59
C5 NAG D . 34.75 15.84 15.91
C6 NAG D . 35.10 17.12 15.19
C7 NAG D . 34.63 10.56 16.30
C8 NAG D . 33.99 9.41 17.05
N2 NAG D . 34.30 11.78 16.71
O3 NAG D . 36.80 13.13 17.46
O4 NAG D . 36.29 16.01 17.70
O5 NAG D . 34.20 14.96 14.92
O6 NAG D . 34.41 18.21 15.80
O7 NAG D . 35.41 10.37 15.37
C1 MAN D . 37.68 16.04 18.03
C2 MAN D . 37.73 17.08 19.13
C3 MAN D . 38.91 18.03 18.93
C4 MAN D . 40.16 17.27 18.51
C5 MAN D . 39.91 16.50 17.19
C6 MAN D . 40.50 15.09 17.13
O2 MAN D . 37.89 16.47 20.42
O3 MAN D . 39.18 18.80 20.11
O4 MAN D . 41.20 18.19 18.31
O5 MAN D . 38.49 16.38 16.93
O6 MAN D . 41.90 15.14 16.83
C1 MAN D . 38.62 20.14 20.05
C2 MAN D . 39.39 21.02 21.05
C3 MAN D . 39.14 20.50 22.42
C4 MAN D . 37.64 20.52 22.70
C5 MAN D . 36.90 19.66 21.66
C6 MAN D . 35.38 19.74 21.80
O2 MAN D . 38.81 22.33 21.15
O3 MAN D . 39.79 21.30 23.38
O4 MAN D . 37.42 20.02 24.00
O5 MAN D . 37.23 20.12 20.35
O6 MAN D . 34.80 18.51 21.30
C1 MAN D . 39.32 23.24 20.15
C2 MAN D . 39.44 24.65 20.80
C3 MAN D . 38.05 25.09 21.22
C4 MAN D . 37.06 25.00 20.04
C5 MAN D . 37.08 23.58 19.43
C6 MAN D . 36.27 23.47 18.19
O2 MAN D . 39.76 25.66 19.85
O3 MAN D . 38.07 26.41 21.75
O4 MAN D . 35.74 25.28 20.49
O5 MAN D . 38.45 23.25 19.06
O6 MAN D . 36.55 24.65 17.43
C1 MAN D . 41.17 25.96 19.73
C2 MAN D . 41.21 27.23 18.86
C3 MAN D . 40.80 26.84 17.44
C4 MAN D . 41.80 25.82 16.92
C5 MAN D . 41.62 24.55 17.76
C6 MAN D . 42.53 23.39 17.37
O2 MAN D . 42.52 27.78 18.71
O3 MAN D . 40.71 27.95 16.58
O4 MAN D . 41.57 25.58 15.51
O5 MAN D . 41.89 24.86 19.18
O6 MAN D . 42.36 22.34 18.35
C1 NAG E . -8.98 -7.27 20.17
C2 NAG E . -7.88 -6.99 19.24
C3 NAG E . -8.47 -6.60 17.92
C4 NAG E . -9.46 -7.65 17.40
C5 NAG E . -10.44 -7.96 18.50
C6 NAG E . -11.13 -9.25 18.39
C7 NAG E . -5.70 -6.21 19.79
C8 NAG E . -4.94 -5.01 20.09
N2 NAG E . -7.00 -6.03 19.82
O1 NAG E . -8.19 -8.06 20.91
O3 NAG E . -7.32 -6.39 17.17
O4 NAG E . -10.26 -7.03 16.49
O5 NAG E . -9.75 -8.28 19.66
O6 NAG E . -10.32 -9.97 19.23
O7 NAG E . -5.16 -7.24 19.54
C1 NAG E . -10.12 -7.49 15.23
C2 NAG E . -11.50 -7.37 14.65
C3 NAG E . -11.44 -7.23 13.15
C4 NAG E . -10.43 -6.20 12.67
C5 NAG E . -9.15 -6.37 13.43
C6 NAG E . -8.31 -5.17 13.25
C7 NAG E . -13.40 -8.49 15.63
C8 NAG E . -14.20 -9.72 15.73
N2 NAG E . -12.30 -8.52 14.97
O3 NAG E . -12.72 -6.89 12.81
O4 NAG E . -10.03 -6.36 11.33
O5 NAG E . -9.40 -6.44 14.77
O6 NAG E . -7.15 -5.31 14.00
O7 NAG E . -13.77 -7.53 16.11
C1 NAG E . -10.41 -5.33 10.47
C2 NAG E . -9.56 -5.25 9.24
C3 NAG E . -10.22 -4.46 8.12
C4 NAG E . -11.66 -4.84 7.91
C5 NAG E . -12.37 -4.93 9.22
C6 NAG E . -13.63 -5.70 9.10
C7 NAG E . -7.23 -5.38 9.54
C8 NAG E . -6.09 -4.69 10.12
N2 NAG E . -8.31 -4.69 9.54
O3 NAG E . -9.62 -4.66 6.90
O4 NAG E . -12.26 -3.82 7.15
O5 NAG E . -11.64 -5.74 10.05
O6 NAG E . -14.58 -5.16 9.92
O7 NAG E . -7.14 -6.46 9.14
C1 NAG E . -13.24 -4.15 6.19
C2 NAG E . -13.32 -3.01 5.16
C3 NAG E . -12.12 -3.05 4.19
C4 NAG E . -11.24 -4.28 4.23
C5 NAG E . -12.18 -5.45 4.35
C6 NAG E . -11.54 -6.80 4.32
C7 NAG E . -15.49 -2.21 4.37
C8 NAG E . -16.59 -2.58 3.50
N2 NAG E . -14.52 -3.07 4.37
O3 NAG E . -11.32 -1.97 4.45
O4 NAG E . -10.40 -4.40 3.15
O5 NAG E . -12.99 -5.36 5.52
O6 NAG E . -10.52 -6.92 5.24
O7 NAG E . -15.50 -1.20 5.00
C1 NAG E . -9.13 -3.88 3.38
C2 NAG E . -8.10 -4.57 2.53
C3 NAG E . -6.79 -3.83 2.61
C4 NAG E . -6.96 -2.36 2.29
C5 NAG E . -7.99 -1.82 3.23
C6 NAG E . -8.20 -0.36 2.98
C7 NAG E . -8.32 -6.86 1.99
C8 NAG E . -8.20 -8.23 2.50
N2 NAG E . -7.90 -5.95 2.79
O3 NAG E . -5.98 -4.32 1.61
O4 NAG E . -5.78 -1.64 2.47
O5 NAG E . -9.15 -2.56 2.95
O6 NAG E . -9.26 0.15 3.73
O7 NAG E . -8.73 -6.64 0.93
C1 NAG F . -26.79 -20.28 15.51
C2 NAG F . -26.81 -21.69 16.02
C3 NAG F . -28.16 -22.02 16.64
C4 NAG F . -28.58 -21.08 17.73
C5 NAG F . -28.34 -19.67 17.28
C6 NAG F . -28.27 -18.97 18.59
C7 NAG F . -25.78 -23.57 15.07
C8 NAG F . -25.92 -24.48 13.93
N2 NAG F . -26.55 -22.56 14.95
O3 NAG F . -28.12 -23.25 17.30
O4 NAG F . -29.95 -21.19 18.07
O5 NAG F . -27.08 -19.54 16.65
O6 NAG F . -28.96 -17.75 18.57
O7 NAG F . -25.03 -23.72 15.98
C1 NAG F . -30.35 -22.32 18.83
C2 NAG F . -31.56 -22.05 19.71
C3 NAG F . -32.13 -23.33 20.28
C4 NAG F . -32.34 -24.45 19.27
C5 NAG F . -31.07 -24.53 18.45
C6 NAG F . -31.15 -25.44 17.30
C7 NAG F . -31.61 -19.97 20.80
C8 NAG F . -30.90 -19.16 21.81
N2 NAG F . -31.29 -21.23 20.84
O3 NAG F . -33.35 -22.96 20.89
O4 NAG F . -32.50 -25.71 19.90
O5 NAG F . -30.84 -23.26 17.92
O6 NAG F . -30.59 -26.57 17.87
O7 NAG F . -32.40 -19.51 20.03
C1 MAN F . -33.86 -26.17 20.10
C2 MAN F . -33.88 -27.64 20.44
C3 MAN F . -34.95 -28.48 19.74
C4 MAN F . -36.25 -27.74 19.85
C5 MAN F . -36.16 -26.30 19.39
C6 MAN F . -36.82 -25.48 20.48
O2 MAN F . -34.10 -27.61 21.84
O3 MAN F . -35.19 -29.75 20.36
O4 MAN F . -37.27 -28.43 19.14
O5 MAN F . -34.82 -25.84 19.14
O6 MAN F . -37.62 -24.49 19.89
C1 MAN F . -34.67 -30.89 19.69
C2 MAN F . -35.22 -32.18 20.24
C3 MAN F . -34.79 -32.31 21.67
C4 MAN F . -33.27 -32.26 21.78
C5 MAN F . -32.80 -30.99 21.12
C6 MAN F . -31.27 -30.82 21.12
O2 MAN F . -34.64 -33.30 19.59
O3 MAN F . -35.26 -33.58 22.07
O4 MAN F . -32.78 -32.23 23.11
O5 MAN F . -33.28 -31.04 19.80
O6 MAN F . -30.52 -31.95 20.65
C1 MAN F . -35.31 -33.64 18.37
C2 MAN F . -35.50 -35.13 18.23
C3 MAN F . -34.17 -35.81 18.16
C4 MAN F . -33.30 -35.17 17.06
C5 MAN F . -33.31 -33.68 17.14
C6 MAN F . -32.71 -33.12 15.90
O2 MAN F . -36.02 -35.45 16.97
O3 MAN F . -34.52 -37.14 17.84
O4 MAN F . -31.94 -35.56 17.16
O5 MAN F . -34.63 -33.20 17.23
O6 MAN F . -33.69 -32.41 15.21
C1 MAN F . -37.28 -36.05 17.12
C2 MAN F . -37.65 -36.71 15.83
C3 MAN F . -37.67 -35.64 14.76
C4 MAN F . -38.61 -34.55 15.10
C5 MAN F . -38.31 -34.02 16.49
C6 MAN F . -39.51 -33.30 16.97
O2 MAN F . -38.94 -37.22 15.95
O3 MAN F . -38.25 -36.05 13.58
O4 MAN F . -38.37 -33.63 14.05
O5 MAN F . -38.24 -35.07 17.40
O6 MAN F . -39.48 -32.09 16.28
#